data_8YK9
#
_entry.id   8YK9
#
_cell.length_a   159.233
_cell.length_b   159.233
_cell.length_c   127.871
_cell.angle_alpha   90.00
_cell.angle_beta   90.00
_cell.angle_gamma   90.00
#
_symmetry.space_group_name_H-M   'P 43 21 2'
#
loop_
_entity.id
_entity.type
_entity.pdbx_description
1 polymer SegC
2 non-polymer "ADENOSINE-5'-DIPHOSPHATE"
3 non-polymer 'MAGNESIUM ION'
#
_entity_poly.entity_id   1
_entity_poly.type   'polypeptide(L)'
_entity_poly.pdbx_seq_one_letter_code
;MFEKLYSAIIYSDEFKKILLGRGVDDLEIASAYIAFLYEDLPIIGKNLCAAFLRMGLDAVYNVMPSGKVYSPRHKLYPIS
RYGIDGVCINCDGGKIILRISNKGYDPEDLLESKGLESRIFVSKNFKKKSMEIIEKIWDVNKIRLIARKEILERISAGGI
LHMIRLEHHHHHH
;
_entity_poly.pdbx_strand_id   A,B,C,D
#
# COMPACT_ATOMS: atom_id res chain seq x y z
N MET A 1 16.35 22.81 27.03
CA MET A 1 16.01 23.69 25.89
C MET A 1 16.32 23.07 24.53
N PHE A 2 17.59 22.70 24.38
CA PHE A 2 18.02 21.96 23.21
C PHE A 2 17.60 20.50 23.29
N GLU A 3 16.56 20.23 24.08
CA GLU A 3 16.09 18.88 24.27
C GLU A 3 15.39 18.38 23.02
N LYS A 4 14.72 19.27 22.31
CA LYS A 4 14.12 18.90 21.04
C LYS A 4 15.22 18.58 20.02
N LEU A 5 16.25 19.43 19.96
CA LEU A 5 17.30 19.27 18.95
C LEU A 5 18.10 17.99 19.16
N TYR A 6 18.56 17.73 20.38
CA TYR A 6 19.45 16.59 20.64
C TYR A 6 18.71 15.27 20.50
N SER A 7 17.42 15.24 20.88
CA SER A 7 16.59 14.08 20.65
C SER A 7 16.52 13.73 19.17
N ALA A 8 16.23 14.73 18.32
CA ALA A 8 16.21 14.50 16.88
C ALA A 8 17.47 13.80 16.41
N ILE A 9 18.62 14.24 16.92
CA ILE A 9 19.86 13.71 16.39
C ILE A 9 20.04 12.26 16.82
N ILE A 10 19.57 11.88 18.01
CA ILE A 10 19.69 10.47 18.40
C ILE A 10 18.71 9.62 17.60
N TYR A 11 17.50 10.10 17.37
CA TYR A 11 16.47 9.29 16.73
C TYR A 11 16.76 9.08 15.24
N SER A 12 17.00 10.17 14.52
CA SER A 12 17.48 10.08 13.15
C SER A 12 18.65 9.11 13.03
N ASP A 13 19.64 9.22 13.94
CA ASP A 13 20.82 8.34 13.88
C ASP A 13 20.42 6.87 14.01
N GLU A 14 19.50 6.55 14.91
CA GLU A 14 19.10 5.14 15.04
C GLU A 14 18.29 4.69 13.82
N PHE A 15 17.30 5.50 13.41
CA PHE A 15 16.46 5.15 12.26
C PHE A 15 17.28 4.96 10.99
N LYS A 16 18.25 5.85 10.75
CA LYS A 16 19.09 5.71 9.57
C LYS A 16 19.86 4.41 9.60
N LYS A 17 20.30 3.97 10.79
CA LYS A 17 20.96 2.68 10.89
C LYS A 17 20.01 1.53 10.52
N ILE A 18 18.78 1.57 11.03
CA ILE A 18 17.78 0.57 10.62
C ILE A 18 17.55 0.59 9.11
N LEU A 19 17.49 1.79 8.53
CA LEU A 19 17.09 1.92 7.13
C LEU A 19 18.23 1.77 6.12
N LEU A 20 19.46 2.24 6.41
CA LEU A 20 20.54 2.14 5.42
C LEU A 20 21.82 1.53 5.96
N GLY A 21 21.81 0.96 7.15
CA GLY A 21 23.01 0.36 7.69
C GLY A 21 24.02 1.33 8.27
N ARG A 22 23.87 2.64 8.08
CA ARG A 22 24.84 3.58 8.64
C ARG A 22 24.11 4.70 9.38
N GLY A 23 24.89 5.51 10.10
CA GLY A 23 24.38 6.60 10.91
C GLY A 23 24.47 7.95 10.21
N VAL A 24 23.91 8.97 10.87
CA VAL A 24 23.74 10.27 10.23
C VAL A 24 25.10 10.92 10.07
N ASP A 25 25.16 12.01 9.28
CA ASP A 25 26.37 12.69 8.82
C ASP A 25 26.70 13.92 9.65
N ASP A 26 27.87 14.48 9.33
CA ASP A 26 28.22 15.83 9.75
C ASP A 26 27.16 16.81 9.31
N LEU A 27 26.94 16.90 8.00
CA LEU A 27 26.03 17.89 7.45
C LEU A 27 24.56 17.55 7.72
N GLU A 28 24.23 16.26 7.86
CA GLU A 28 22.85 15.90 8.20
C GLU A 28 22.49 16.35 9.60
N ILE A 29 23.42 16.19 10.55
CA ILE A 29 23.22 16.71 11.89
C ILE A 29 23.21 18.24 11.87
N ALA A 30 24.07 18.83 11.04
CA ALA A 30 24.06 20.27 10.88
C ALA A 30 22.69 20.77 10.44
N SER A 31 21.98 19.97 9.64
CA SER A 31 20.68 20.41 9.17
C SER A 31 19.70 20.55 10.32
N ALA A 32 19.83 19.69 11.35
CA ALA A 32 18.96 19.82 12.52
C ALA A 32 19.22 21.12 13.28
N TYR A 33 20.49 21.54 13.37
CA TYR A 33 20.79 22.83 13.97
C TYR A 33 20.12 23.96 13.19
N ILE A 34 20.37 24.04 11.88
CA ILE A 34 19.82 25.13 11.05
C ILE A 34 18.31 25.26 11.22
N ALA A 35 17.62 24.11 11.36
CA ALA A 35 16.16 24.08 11.47
C ALA A 35 15.66 24.38 12.87
N PHE A 36 16.46 24.02 13.89
CA PHE A 36 16.19 24.46 15.27
C PHE A 36 16.19 25.98 15.38
N LEU A 37 16.96 26.66 14.52
CA LEU A 37 17.05 28.11 14.55
C LEU A 37 15.93 28.72 13.72
N TYR A 38 15.98 28.54 12.40
CA TYR A 38 15.02 29.14 11.47
C TYR A 38 13.96 28.10 11.13
N GLU A 39 12.79 28.19 11.77
CA GLU A 39 11.81 27.12 11.66
C GLU A 39 10.92 27.22 10.43
N ASP A 40 10.98 28.32 9.68
CA ASP A 40 10.26 28.42 8.41
C ASP A 40 11.21 28.44 7.23
N LEU A 41 12.41 28.07 7.44
CA LEU A 41 13.37 27.98 6.36
C LEU A 41 13.21 26.62 5.69
N PRO A 42 13.18 26.56 4.35
CA PRO A 42 13.18 25.26 3.68
C PRO A 42 14.56 24.63 3.72
N ILE A 43 14.62 23.37 4.17
CA ILE A 43 15.85 22.61 4.23
C ILE A 43 15.87 21.67 3.03
N ILE A 44 16.81 21.88 2.10
CA ILE A 44 16.95 21.11 0.88
C ILE A 44 18.19 20.24 0.98
N GLY A 45 18.12 19.03 0.44
CA GLY A 45 19.33 18.20 0.43
C GLY A 45 19.38 17.23 1.58
N LYS A 46 20.57 16.95 2.09
CA LYS A 46 20.71 16.00 3.18
C LYS A 46 20.08 16.60 4.44
N ASN A 47 18.85 16.17 4.75
CA ASN A 47 18.03 16.87 5.73
C ASN A 47 17.31 15.94 6.70
N LEU A 48 17.88 14.75 6.95
CA LEU A 48 17.15 13.71 7.69
C LEU A 48 16.83 14.12 9.13
N CYS A 49 17.76 14.83 9.78
CA CYS A 49 17.61 15.17 11.20
C CYS A 49 16.67 16.37 11.40
N ALA A 50 16.79 17.39 10.54
CA ALA A 50 15.78 18.44 10.48
C ALA A 50 14.39 17.84 10.34
N ALA A 51 14.27 16.77 9.55
CA ALA A 51 12.97 16.13 9.36
C ALA A 51 12.48 15.44 10.64
N PHE A 52 13.39 14.86 11.43
CA PHE A 52 12.96 14.34 12.71
C PHE A 52 12.65 15.48 13.68
N LEU A 53 13.43 16.57 13.64
CA LEU A 53 13.12 17.71 14.50
C LEU A 53 11.74 18.28 14.24
N ARG A 54 11.36 18.40 12.95
CA ARG A 54 10.07 18.99 12.58
C ARG A 54 8.91 17.99 12.56
N MET A 55 9.18 16.68 12.42
CA MET A 55 8.11 15.71 12.20
C MET A 55 8.05 14.59 13.20
N GLY A 56 9.03 14.48 14.10
CA GLY A 56 9.00 13.35 15.03
C GLY A 56 9.23 12.03 14.32
N LEU A 57 8.69 10.95 14.90
CA LEU A 57 8.77 9.68 14.21
C LEU A 57 8.12 9.72 12.83
N ASP A 58 7.21 10.66 12.59
CA ASP A 58 6.49 10.63 11.33
C ASP A 58 7.39 10.85 10.13
N ALA A 59 8.60 11.41 10.32
CA ALA A 59 9.52 11.49 9.20
C ALA A 59 9.73 10.13 8.54
N VAL A 60 9.56 9.05 9.32
CA VAL A 60 9.82 7.68 8.85
C VAL A 60 9.08 7.37 7.57
N TYR A 61 7.90 7.94 7.39
CA TYR A 61 7.13 7.63 6.19
C TYR A 61 7.55 8.42 4.97
N ASN A 62 8.26 9.55 5.17
CA ASN A 62 8.60 10.47 4.09
C ASN A 62 10.05 10.37 3.62
N VAL A 63 10.87 9.52 4.23
CA VAL A 63 12.27 9.46 3.85
C VAL A 63 12.40 8.74 2.51
N MET A 64 13.01 9.41 1.53
CA MET A 64 13.33 8.81 0.22
C MET A 64 14.38 7.72 0.40
N PRO A 65 14.63 6.92 -0.65
CA PRO A 65 15.72 5.93 -0.59
C PRO A 65 17.10 6.54 -0.38
N SER A 66 17.25 7.85 -0.53
CA SER A 66 18.54 8.51 -0.31
C SER A 66 18.75 8.97 1.13
N GLY A 67 17.75 8.80 1.99
CA GLY A 67 17.78 9.42 3.30
C GLY A 67 17.40 10.88 3.31
N LYS A 68 16.99 11.44 2.17
CA LYS A 68 16.46 12.78 2.13
C LYS A 68 14.95 12.70 2.27
N VAL A 69 14.38 13.68 2.94
CA VAL A 69 12.96 13.68 3.25
C VAL A 69 12.27 14.68 2.34
N TYR A 70 11.20 14.24 1.68
CA TYR A 70 10.26 15.12 0.98
C TYR A 70 9.00 15.20 1.82
N SER A 71 8.72 16.37 2.32
CA SER A 71 7.53 16.62 3.10
C SER A 71 7.32 18.12 3.02
N PRO A 72 6.67 18.62 1.96
CA PRO A 72 6.60 20.07 1.76
C PRO A 72 5.85 20.78 2.86
N ARG A 73 4.96 20.10 3.58
CA ARG A 73 4.30 20.75 4.70
C ARG A 73 5.32 21.30 5.68
N HIS A 74 6.33 20.49 6.02
CA HIS A 74 7.40 20.92 6.91
C HIS A 74 8.61 21.49 6.18
N LYS A 75 8.44 21.97 4.94
CA LYS A 75 9.51 22.65 4.22
C LYS A 75 10.80 21.82 4.15
N LEU A 76 10.63 20.53 3.87
CA LEU A 76 11.75 19.60 3.66
C LEU A 76 11.72 19.11 2.22
N TYR A 77 12.81 19.33 1.50
CA TYR A 77 12.89 18.99 0.10
C TYR A 77 14.20 18.27 -0.16
N PRO A 78 14.20 17.34 -1.08
CA PRO A 78 15.43 16.60 -1.33
C PRO A 78 16.23 17.27 -2.42
N ILE A 79 15.57 17.97 -3.34
CA ILE A 79 16.26 18.80 -4.31
C ILE A 79 15.53 20.13 -4.42
N SER A 80 16.18 21.07 -5.11
CA SER A 80 15.75 22.46 -5.18
C SER A 80 14.73 22.65 -6.31
N ARG A 81 13.51 23.00 -5.94
CA ARG A 81 12.50 23.40 -6.91
C ARG A 81 12.36 24.93 -6.96
N TYR A 82 11.81 25.42 -8.07
CA TYR A 82 11.80 26.86 -8.38
C TYR A 82 11.11 27.67 -7.29
N GLY A 83 11.76 28.72 -6.81
CA GLY A 83 11.16 29.59 -5.83
C GLY A 83 11.35 29.19 -4.39
N ILE A 84 12.00 28.05 -4.11
CA ILE A 84 12.31 27.65 -2.73
C ILE A 84 13.65 28.28 -2.37
N ASP A 85 13.61 29.44 -1.71
CA ASP A 85 14.83 30.09 -1.24
C ASP A 85 15.19 29.53 0.14
N GLY A 86 15.72 28.32 0.14
CA GLY A 86 16.08 27.60 1.34
C GLY A 86 17.59 27.38 1.41
N VAL A 87 18.00 26.70 2.50
CA VAL A 87 19.36 26.23 2.69
C VAL A 87 19.51 24.90 2.00
N CYS A 88 20.63 24.75 1.31
CA CYS A 88 20.95 23.54 0.57
C CYS A 88 22.10 22.86 1.31
N ILE A 89 21.78 21.81 2.06
CA ILE A 89 22.77 21.03 2.80
C ILE A 89 23.57 20.24 1.78
N ASN A 90 24.73 20.78 1.38
CA ASN A 90 25.63 20.16 0.41
C ASN A 90 25.21 20.21 -1.05
N CYS A 91 24.45 21.21 -1.47
CA CYS A 91 24.09 21.39 -2.87
C CYS A 91 24.11 22.88 -3.22
N ASP A 92 24.16 23.19 -4.52
CA ASP A 92 24.39 24.56 -4.96
C ASP A 92 23.12 25.33 -5.26
N GLY A 93 21.98 24.68 -5.20
CA GLY A 93 20.73 25.37 -5.41
C GLY A 93 20.21 25.98 -4.13
N GLY A 94 19.05 26.61 -4.26
CA GLY A 94 18.45 27.40 -3.20
C GLY A 94 19.14 28.76 -3.05
N LYS A 95 18.83 29.41 -1.91
CA LYS A 95 19.35 30.73 -1.55
C LYS A 95 20.71 30.66 -0.84
N ILE A 96 20.91 29.64 0.00
CA ILE A 96 22.01 29.56 0.98
C ILE A 96 22.66 28.18 0.90
N ILE A 97 23.97 28.13 0.64
CA ILE A 97 24.71 26.88 0.45
C ILE A 97 25.49 26.54 1.71
N LEU A 98 25.20 25.40 2.34
CA LEU A 98 25.91 24.95 3.55
C LEU A 98 26.82 23.76 3.26
N ARG A 99 28.12 23.89 3.55
CA ARG A 99 29.06 22.79 3.32
C ARG A 99 30.08 22.81 4.47
N ILE A 100 31.22 22.12 4.32
CA ILE A 100 32.22 22.02 5.38
C ILE A 100 33.48 22.83 5.08
N SER A 101 34.07 23.42 6.15
CA SER A 101 35.32 24.18 6.06
C SER A 101 36.17 23.99 7.33
N ASN A 102 37.47 24.29 7.21
CA ASN A 102 38.33 24.34 8.39
C ASN A 102 37.79 25.29 9.44
N LYS A 103 37.55 26.54 9.05
CA LYS A 103 37.13 27.62 9.94
C LYS A 103 35.63 27.78 9.93
N GLY A 104 34.87 26.69 10.15
CA GLY A 104 33.42 26.71 10.08
C GLY A 104 32.81 26.53 11.46
N TYR A 105 31.58 26.99 11.67
CA TYR A 105 30.99 27.02 13.02
C TYR A 105 31.15 25.67 13.71
N ASP A 106 31.27 25.71 15.04
CA ASP A 106 31.10 24.54 15.90
C ASP A 106 29.64 24.29 16.20
N PRO A 107 29.30 23.18 16.88
CA PRO A 107 27.93 23.07 17.43
C PRO A 107 27.52 24.26 18.28
N GLU A 108 28.41 24.76 19.15
CA GLU A 108 28.07 25.91 19.97
C GLU A 108 28.01 27.17 19.12
N ASP A 109 29.11 27.49 18.45
CA ASP A 109 29.23 28.73 17.71
C ASP A 109 28.12 28.92 16.67
N LEU A 110 27.48 27.84 16.21
CA LEU A 110 26.39 27.95 15.24
C LEU A 110 25.06 28.30 15.92
N LEU A 111 24.76 27.69 17.07
CA LEU A 111 23.59 28.10 17.83
C LEU A 111 23.63 29.60 18.11
N GLU A 112 24.85 30.15 18.29
CA GLU A 112 25.00 31.57 18.62
C GLU A 112 24.74 32.46 17.42
N SER A 113 25.10 32.02 16.21
CA SER A 113 25.05 32.89 15.05
C SER A 113 23.69 33.56 14.93
N LYS A 114 23.69 34.88 14.78
CA LYS A 114 22.44 35.63 14.77
C LYS A 114 21.93 35.88 13.37
N GLY A 115 22.78 35.76 12.36
CA GLY A 115 22.39 36.00 10.98
C GLY A 115 22.45 34.73 10.15
N LEU A 116 21.83 34.83 8.98
CA LEU A 116 21.90 33.85 7.92
C LEU A 116 22.64 34.49 6.77
N GLU A 117 23.72 33.85 6.29
CA GLU A 117 24.50 34.46 5.23
C GLU A 117 24.35 33.68 3.92
N SER A 118 24.86 34.29 2.83
CA SER A 118 24.77 33.70 1.49
C SER A 118 25.51 32.36 1.37
N ARG A 119 26.61 32.18 2.10
CA ARG A 119 27.31 30.90 2.23
C ARG A 119 27.48 30.59 3.72
N ILE A 120 27.06 29.41 4.14
CA ILE A 120 27.29 28.97 5.52
C ILE A 120 28.24 27.78 5.47
N PHE A 121 29.15 27.71 6.45
CA PHE A 121 30.12 26.62 6.58
C PHE A 121 30.10 26.12 8.01
N VAL A 122 30.41 24.83 8.19
CA VAL A 122 30.53 24.24 9.52
C VAL A 122 31.82 23.44 9.60
N SER A 123 32.34 23.38 10.83
CA SER A 123 33.63 22.76 11.12
C SER A 123 33.64 21.29 10.75
N LYS A 124 34.82 20.81 10.39
CA LYS A 124 35.02 19.38 10.26
C LYS A 124 34.73 18.74 11.60
N ASN A 125 34.25 17.50 11.57
CA ASN A 125 34.01 16.70 12.77
C ASN A 125 32.77 17.18 13.54
N PHE A 126 31.91 17.97 12.88
CA PHE A 126 30.73 18.52 13.53
C PHE A 126 29.94 17.46 14.29
N LYS A 127 29.97 16.21 13.82
CA LYS A 127 29.18 15.18 14.49
C LYS A 127 29.85 14.77 15.78
N LYS A 128 31.17 14.53 15.72
CA LYS A 128 31.94 14.16 16.90
C LYS A 128 31.79 15.23 17.99
N LYS A 129 31.87 16.52 17.62
CA LYS A 129 31.70 17.60 18.59
C LYS A 129 30.31 17.62 19.18
N SER A 130 29.29 17.32 18.37
CA SER A 130 27.91 17.34 18.82
C SER A 130 27.54 16.11 19.62
N MET A 131 28.15 14.96 19.33
CA MET A 131 27.86 13.79 20.14
C MET A 131 28.45 13.95 21.55
N GLU A 132 29.60 14.62 21.68
CA GLU A 132 30.20 14.82 23.00
C GLU A 132 29.34 15.71 23.88
N ILE A 133 28.81 16.80 23.30
CA ILE A 133 27.88 17.65 24.03
C ILE A 133 26.73 16.83 24.62
N ILE A 134 26.12 15.97 23.79
CA ILE A 134 24.97 15.18 24.25
C ILE A 134 25.42 14.11 25.24
N GLU A 135 26.63 13.57 25.07
CA GLU A 135 27.09 12.50 25.92
C GLU A 135 27.28 12.99 27.35
N LYS A 136 27.92 14.16 27.51
CA LYS A 136 28.15 14.71 28.84
C LYS A 136 26.86 14.94 29.61
N ILE A 137 25.75 15.16 28.92
CA ILE A 137 24.49 15.52 29.55
C ILE A 137 23.56 14.32 29.73
N TRP A 138 23.50 13.42 28.75
CA TRP A 138 22.58 12.29 28.80
C TRP A 138 23.30 10.96 28.86
N ASP A 139 22.54 9.96 29.32
CA ASP A 139 22.92 8.58 29.07
C ASP A 139 22.41 8.28 27.66
N VAL A 140 23.30 8.32 26.67
CA VAL A 140 22.83 8.19 25.30
C VAL A 140 22.44 6.75 24.97
N ASN A 141 23.13 5.75 25.53
CA ASN A 141 22.79 4.37 25.23
C ASN A 141 21.41 4.00 25.75
N LYS A 142 21.00 4.58 26.88
CA LYS A 142 19.65 4.28 27.35
C LYS A 142 18.62 4.86 26.41
N ILE A 143 18.95 6.01 25.82
CA ILE A 143 18.07 6.69 24.87
C ILE A 143 18.01 5.92 23.56
N ARG A 144 19.17 5.50 23.03
CA ARG A 144 19.20 4.77 21.76
C ARG A 144 18.33 3.52 21.80
N LEU A 145 18.42 2.74 22.89
CA LEU A 145 17.61 1.52 22.97
C LEU A 145 16.12 1.86 23.04
N ILE A 146 15.77 2.98 23.68
CA ILE A 146 14.37 3.44 23.68
C ILE A 146 13.97 3.95 22.29
N ALA A 147 14.90 4.58 21.58
CA ALA A 147 14.66 5.04 20.22
C ALA A 147 14.43 3.87 19.28
N ARG A 148 15.32 2.88 19.30
CA ARG A 148 15.19 1.72 18.44
C ARG A 148 13.85 1.02 18.64
N LYS A 149 13.45 0.83 19.90
CA LYS A 149 12.22 0.10 20.18
C LYS A 149 10.98 0.86 19.72
N GLU A 150 11.04 2.19 19.71
CA GLU A 150 9.89 2.96 19.25
C GLU A 150 9.83 3.00 17.73
N ILE A 151 10.99 3.21 17.09
CA ILE A 151 11.07 3.18 15.64
C ILE A 151 10.60 1.83 15.12
N LEU A 152 11.09 0.74 15.74
CA LEU A 152 10.63 -0.60 15.34
C LEU A 152 9.12 -0.71 15.51
N GLU A 153 8.59 -0.22 16.62
CA GLU A 153 7.15 -0.25 16.82
C GLU A 153 6.43 0.50 15.71
N ARG A 154 7.01 1.59 15.23
CA ARG A 154 6.45 2.34 14.11
C ARG A 154 6.46 1.53 12.82
N ILE A 155 7.67 1.07 12.42
CA ILE A 155 7.86 0.24 11.23
C ILE A 155 6.98 -0.99 11.29
N SER A 156 6.89 -1.63 12.44
CA SER A 156 6.08 -2.84 12.56
C SER A 156 4.60 -2.55 12.53
N ALA A 157 4.20 -1.27 12.60
CA ALA A 157 2.78 -0.96 12.63
C ALA A 157 2.11 -1.43 11.34
N GLY A 158 2.57 -0.91 10.20
CA GLY A 158 2.09 -1.40 8.92
C GLY A 158 3.07 -2.31 8.22
N GLY A 159 4.30 -2.43 8.72
CA GLY A 159 5.32 -3.28 8.14
C GLY A 159 6.23 -2.50 7.21
N ILE A 160 7.51 -2.91 7.20
CA ILE A 160 8.54 -2.28 6.36
C ILE A 160 7.98 -1.90 5.00
N LEU A 161 7.27 -2.82 4.35
CA LEU A 161 6.91 -2.64 2.94
C LEU A 161 5.91 -1.50 2.74
N HIS A 162 4.84 -1.47 3.55
CA HIS A 162 3.97 -0.29 3.64
C HIS A 162 4.77 1.00 3.78
N MET A 163 5.71 1.04 4.72
CA MET A 163 6.48 2.27 4.96
C MET A 163 7.33 2.66 3.74
N ILE A 164 7.62 1.72 2.83
CA ILE A 164 8.39 2.08 1.63
C ILE A 164 7.52 2.88 0.63
N ARG A 165 6.22 2.58 0.53
CA ARG A 165 5.31 3.49 -0.19
C ARG A 165 4.86 4.68 0.69
N MET B 1 13.55 -31.21 22.51
CA MET B 1 13.65 -31.84 21.19
C MET B 1 12.87 -30.94 20.22
N PHE B 2 11.77 -30.40 20.73
CA PHE B 2 10.93 -29.50 19.95
C PHE B 2 11.30 -28.03 20.09
N GLU B 3 12.27 -27.67 20.94
CA GLU B 3 12.66 -26.25 21.09
C GLU B 3 12.96 -25.59 19.76
N LYS B 4 13.76 -26.24 18.92
CA LYS B 4 14.12 -25.62 17.65
C LYS B 4 12.86 -25.36 16.80
N LEU B 5 11.90 -26.30 16.79
CA LEU B 5 10.64 -26.05 16.10
C LEU B 5 9.86 -24.91 16.74
N TYR B 6 9.75 -24.86 18.07
CA TYR B 6 8.92 -23.80 18.65
C TYR B 6 9.60 -22.44 18.60
N SER B 7 10.92 -22.39 18.43
CA SER B 7 11.61 -21.10 18.29
C SER B 7 11.37 -20.47 16.93
N ALA B 8 11.33 -21.31 15.88
CA ALA B 8 11.06 -20.81 14.54
C ALA B 8 9.66 -20.20 14.48
N ILE B 9 8.68 -20.84 15.12
CA ILE B 9 7.33 -20.31 15.14
C ILE B 9 7.29 -18.97 15.89
N ILE B 10 8.15 -18.77 16.89
CA ILE B 10 8.13 -17.48 17.57
C ILE B 10 9.00 -16.46 16.85
N TYR B 11 10.09 -16.87 16.20
CA TYR B 11 10.89 -15.92 15.44
C TYR B 11 10.23 -15.46 14.15
N SER B 12 9.62 -16.37 13.41
CA SER B 12 8.93 -15.96 12.19
C SER B 12 7.77 -15.03 12.50
N ASP B 13 6.96 -15.34 13.55
CA ASP B 13 5.88 -14.43 13.94
C ASP B 13 6.42 -13.04 14.23
N GLU B 14 7.58 -12.93 14.86
CA GLU B 14 8.05 -11.58 15.09
C GLU B 14 8.55 -10.94 13.81
N PHE B 15 9.12 -11.73 12.89
CA PHE B 15 9.68 -11.14 11.67
C PHE B 15 8.56 -10.73 10.73
N LYS B 16 7.51 -11.54 10.61
CA LYS B 16 6.39 -11.19 9.73
C LYS B 16 5.69 -9.93 10.19
N LYS B 17 5.56 -9.74 11.50
CA LYS B 17 5.03 -8.48 11.99
C LYS B 17 5.90 -7.29 11.54
N ILE B 18 7.21 -7.47 11.43
CA ILE B 18 8.06 -6.35 11.04
C ILE B 18 7.97 -6.08 9.55
N LEU B 19 7.74 -7.10 8.74
CA LEU B 19 7.74 -7.02 7.28
C LEU B 19 6.37 -6.67 6.72
N LEU B 20 5.34 -7.35 7.19
CA LEU B 20 4.01 -7.20 6.65
C LEU B 20 3.00 -6.75 7.67
N GLY B 21 3.43 -6.49 8.91
CA GLY B 21 2.51 -5.92 9.86
C GLY B 21 1.43 -6.85 10.37
N ARG B 22 1.62 -8.17 10.27
CA ARG B 22 0.66 -9.11 10.83
C ARG B 22 1.38 -10.41 11.17
N GLY B 23 0.78 -11.18 12.10
CA GLY B 23 1.30 -12.46 12.57
C GLY B 23 1.37 -13.56 11.51
N VAL B 24 1.60 -14.83 11.89
CA VAL B 24 1.68 -15.91 10.91
C VAL B 24 0.37 -16.70 10.90
N ASP B 25 0.11 -17.38 9.77
CA ASP B 25 -1.13 -18.13 9.55
C ASP B 25 -1.08 -19.45 10.29
N ASP B 26 -2.25 -20.06 10.45
CA ASP B 26 -2.31 -21.48 10.79
C ASP B 26 -1.39 -22.29 9.89
N LEU B 27 -1.54 -22.10 8.57
CA LEU B 27 -0.78 -22.91 7.65
C LEU B 27 0.70 -22.53 7.63
N GLU B 28 1.05 -21.28 7.91
CA GLU B 28 2.48 -20.96 8.01
C GLU B 28 3.12 -21.69 9.18
N ILE B 29 2.40 -21.82 10.31
CA ILE B 29 2.90 -22.59 11.43
C ILE B 29 2.95 -24.06 11.08
N ALA B 30 1.86 -24.58 10.51
CA ALA B 30 1.83 -25.98 10.07
C ALA B 30 3.02 -26.31 9.17
N SER B 31 3.44 -25.36 8.34
CA SER B 31 4.55 -25.68 7.45
C SER B 31 5.81 -25.97 8.23
N ALA B 32 5.99 -25.35 9.41
CA ALA B 32 7.20 -25.59 10.19
C ALA B 32 7.19 -26.99 10.80
N TYR B 33 6.06 -27.42 11.37
CA TYR B 33 5.90 -28.82 11.76
C TYR B 33 6.33 -29.76 10.64
N ILE B 34 5.71 -29.63 9.47
CA ILE B 34 6.09 -30.46 8.32
C ILE B 34 7.60 -30.39 8.10
N ALA B 35 8.19 -29.20 8.12
CA ALA B 35 9.63 -29.10 7.88
C ALA B 35 10.42 -29.86 8.91
N PHE B 36 9.84 -30.04 10.10
CA PHE B 36 10.45 -30.70 11.23
C PHE B 36 10.37 -32.21 11.15
N LEU B 37 9.32 -32.75 10.55
CA LEU B 37 9.27 -34.19 10.37
C LEU B 37 10.12 -34.61 9.18
N TYR B 38 10.07 -33.89 8.08
CA TYR B 38 10.58 -34.42 6.82
C TYR B 38 11.70 -33.52 6.31
N GLU B 39 12.86 -33.61 6.95
CA GLU B 39 13.97 -32.68 6.73
C GLU B 39 14.43 -32.49 5.29
N ASP B 40 14.02 -33.36 4.37
CA ASP B 40 14.38 -33.21 2.96
C ASP B 40 13.21 -32.90 2.04
N LEU B 41 11.98 -33.05 2.51
CA LEU B 41 10.80 -32.75 1.70
C LEU B 41 10.79 -31.29 1.32
N PRO B 42 10.57 -30.96 0.05
CA PRO B 42 10.46 -29.55 -0.35
C PRO B 42 9.10 -28.98 0.06
N ILE B 43 9.12 -27.76 0.58
CA ILE B 43 7.91 -27.11 1.09
C ILE B 43 7.59 -25.91 0.21
N ILE B 44 6.36 -25.84 -0.33
CA ILE B 44 5.99 -24.94 -1.43
C ILE B 44 4.84 -24.03 -0.99
N GLY B 45 5.00 -22.71 -1.21
CA GLY B 45 4.11 -21.64 -0.76
C GLY B 45 4.02 -21.52 0.75
N LYS B 46 3.47 -20.47 1.36
CA LYS B 46 3.16 -20.48 2.81
C LYS B 46 4.18 -21.23 3.68
N ASN B 47 5.45 -20.86 3.53
CA ASN B 47 6.52 -21.60 4.20
C ASN B 47 7.39 -20.69 5.06
N LEU B 48 6.85 -19.61 5.61
CA LEU B 48 7.73 -18.72 6.36
C LEU B 48 8.28 -19.39 7.64
N CYS B 49 7.48 -20.23 8.29
CA CYS B 49 7.99 -20.84 9.52
C CYS B 49 8.90 -22.02 9.23
N ALA B 50 8.56 -22.83 8.22
CA ALA B 50 9.52 -23.82 7.77
C ALA B 50 10.82 -23.19 7.31
N ALA B 51 10.80 -21.93 6.87
CA ALA B 51 12.05 -21.33 6.44
C ALA B 51 12.94 -21.02 7.62
N PHE B 52 12.37 -20.49 8.71
CA PHE B 52 13.18 -20.17 9.88
C PHE B 52 13.78 -21.43 10.48
N LEU B 53 12.98 -22.49 10.61
CA LEU B 53 13.48 -23.79 11.03
C LEU B 53 14.64 -24.26 10.18
N ARG B 54 14.64 -23.99 8.88
CA ARG B 54 15.70 -24.52 8.04
C ARG B 54 16.85 -23.56 7.82
N MET B 55 16.67 -22.27 8.07
CA MET B 55 17.69 -21.28 7.77
C MET B 55 18.01 -20.32 8.91
N GLY B 56 17.24 -20.28 10.00
CA GLY B 56 17.62 -19.35 11.05
C GLY B 56 17.35 -17.92 10.63
N LEU B 57 18.09 -16.97 11.23
CA LEU B 57 17.80 -15.60 10.83
C LEU B 57 18.15 -15.34 9.38
N ASP B 58 18.94 -16.20 8.76
CA ASP B 58 19.28 -16.10 7.35
C ASP B 58 18.06 -16.19 6.43
N ALA B 59 16.87 -16.48 6.96
CA ALA B 59 15.66 -16.48 6.16
C ALA B 59 15.27 -15.08 5.73
N VAL B 60 15.55 -14.06 6.57
CA VAL B 60 15.12 -12.71 6.25
C VAL B 60 15.61 -12.27 4.88
N TYR B 61 16.74 -12.81 4.42
CA TYR B 61 17.25 -12.36 3.13
C TYR B 61 16.56 -13.01 1.94
N ASN B 62 15.66 -13.96 2.18
CA ASN B 62 15.08 -14.73 1.09
C ASN B 62 13.57 -14.67 1.14
N VAL B 63 12.98 -13.59 1.66
CA VAL B 63 11.53 -13.51 1.72
C VAL B 63 11.03 -12.75 0.50
N MET B 64 10.09 -13.33 -0.23
CA MET B 64 9.32 -12.58 -1.22
C MET B 64 8.39 -11.61 -0.49
N PRO B 65 7.90 -10.60 -1.18
CA PRO B 65 6.93 -9.68 -0.56
C PRO B 65 5.61 -10.35 -0.20
N SER B 66 5.38 -11.57 -0.66
CA SER B 66 4.21 -12.28 -0.20
C SER B 66 4.39 -12.88 1.17
N GLY B 67 5.63 -12.91 1.67
CA GLY B 67 5.99 -13.66 2.86
C GLY B 67 6.22 -15.13 2.63
N LYS B 68 6.33 -15.53 1.38
CA LYS B 68 6.78 -16.85 1.01
C LYS B 68 8.28 -16.76 0.80
N VAL B 69 8.98 -17.83 1.09
CA VAL B 69 10.44 -17.85 1.02
C VAL B 69 10.86 -18.64 -0.21
N TYR B 70 11.85 -18.13 -0.94
CA TYR B 70 12.50 -18.86 -2.01
C TYR B 70 13.94 -19.12 -1.62
N SER B 71 14.26 -20.37 -1.27
CA SER B 71 15.65 -20.78 -1.06
C SER B 71 15.78 -22.22 -1.54
N PRO B 72 16.27 -22.43 -2.76
CA PRO B 72 16.36 -23.81 -3.26
C PRO B 72 17.39 -24.63 -2.53
N ARG B 73 18.47 -24.02 -2.04
CA ARG B 73 19.40 -24.78 -1.20
C ARG B 73 18.67 -25.48 -0.07
N HIS B 74 17.60 -24.87 0.44
CA HIS B 74 16.85 -25.44 1.56
C HIS B 74 15.50 -26.00 1.14
N LYS B 75 15.31 -26.25 -0.16
CA LYS B 75 14.11 -26.91 -0.66
C LYS B 75 12.86 -26.11 -0.30
N LEU B 76 12.96 -24.77 -0.40
CA LEU B 76 11.84 -23.86 -0.13
C LEU B 76 11.51 -23.08 -1.39
N TYR B 77 10.24 -23.08 -1.78
CA TYR B 77 9.81 -22.57 -3.06
C TYR B 77 8.48 -21.85 -2.84
N PRO B 78 8.33 -20.65 -3.34
CA PRO B 78 7.05 -19.95 -3.21
C PRO B 78 5.96 -20.44 -4.14
N ILE B 79 6.27 -20.88 -5.36
CA ILE B 79 5.29 -21.56 -6.18
C ILE B 79 5.90 -22.86 -6.72
N SER B 80 5.02 -23.78 -7.10
CA SER B 80 5.45 -25.07 -7.64
C SER B 80 6.02 -24.94 -9.04
N ARG B 81 7.12 -25.63 -9.28
CA ARG B 81 7.74 -25.69 -10.59
C ARG B 81 7.94 -27.15 -10.98
N TYR B 82 8.26 -27.39 -12.25
CA TYR B 82 8.19 -28.73 -12.79
C TYR B 82 9.16 -29.67 -12.13
N GLY B 83 8.64 -30.70 -11.47
CA GLY B 83 9.48 -31.74 -10.91
C GLY B 83 9.78 -31.65 -9.44
N ILE B 84 9.28 -30.61 -8.76
CA ILE B 84 9.45 -30.43 -7.32
C ILE B 84 8.30 -31.17 -6.65
N ASP B 85 8.57 -32.44 -6.34
CA ASP B 85 7.59 -33.31 -5.70
C ASP B 85 7.62 -33.02 -4.20
N GLY B 86 6.90 -31.98 -3.79
CA GLY B 86 6.90 -31.55 -2.41
C GLY B 86 5.48 -31.38 -1.89
N VAL B 87 5.38 -31.02 -0.60
CA VAL B 87 4.09 -30.62 -0.04
C VAL B 87 3.85 -29.15 -0.39
N CYS B 88 2.62 -28.84 -0.75
CA CYS B 88 2.18 -27.50 -1.13
C CYS B 88 1.29 -26.96 -0.01
N ILE B 89 1.76 -25.95 0.71
CA ILE B 89 0.97 -25.40 1.82
C ILE B 89 -0.08 -24.47 1.26
N ASN B 90 -1.33 -24.94 1.15
CA ASN B 90 -2.50 -24.15 0.72
C ASN B 90 -2.51 -23.83 -0.78
N CYS B 91 -1.72 -24.52 -1.62
CA CYS B 91 -1.86 -24.55 -3.08
C CYS B 91 -2.13 -25.98 -3.54
N ASP B 92 -2.30 -26.14 -4.85
CA ASP B 92 -2.68 -27.42 -5.44
C ASP B 92 -1.59 -28.07 -6.26
N GLY B 93 -0.38 -27.52 -6.22
CA GLY B 93 0.75 -28.07 -6.92
C GLY B 93 1.37 -29.27 -6.21
N GLY B 94 2.60 -29.57 -6.58
CA GLY B 94 3.43 -30.68 -6.08
C GLY B 94 2.69 -32.00 -5.93
N LYS B 95 3.16 -32.82 -4.99
CA LYS B 95 2.61 -34.16 -4.78
C LYS B 95 1.61 -34.24 -3.63
N ILE B 96 1.88 -33.57 -2.51
CA ILE B 96 0.97 -33.52 -1.37
C ILE B 96 0.35 -32.13 -1.28
N ILE B 97 -0.87 -32.06 -0.76
CA ILE B 97 -1.58 -30.78 -0.60
C ILE B 97 -1.97 -30.61 0.86
N LEU B 98 -1.42 -29.59 1.51
CA LEU B 98 -1.76 -29.29 2.89
C LEU B 98 -2.78 -28.18 2.95
N ARG B 99 -3.92 -28.44 3.62
CA ARG B 99 -5.02 -27.47 3.74
C ARG B 99 -5.75 -27.63 5.06
N ILE B 100 -6.45 -26.56 5.48
CA ILE B 100 -7.23 -26.60 6.72
C ILE B 100 -8.52 -27.39 6.52
N SER B 101 -8.94 -28.11 7.57
CA SER B 101 -10.16 -28.89 7.58
C SER B 101 -10.81 -28.78 8.94
N ASN B 102 -12.09 -29.17 9.00
CA ASN B 102 -12.79 -29.24 10.28
C ASN B 102 -12.29 -30.38 11.11
N LYS B 103 -11.86 -31.47 10.48
CA LYS B 103 -11.37 -32.67 11.15
C LYS B 103 -9.86 -32.77 11.22
N GLY B 104 -9.12 -31.78 10.73
CA GLY B 104 -7.69 -31.95 10.54
C GLY B 104 -6.84 -32.28 11.75
N TYR B 105 -5.55 -32.48 11.52
CA TYR B 105 -4.59 -32.74 12.58
C TYR B 105 -4.56 -31.63 13.64
N ASP B 106 -4.21 -32.02 14.85
CA ASP B 106 -3.77 -31.20 15.96
C ASP B 106 -2.27 -31.02 15.90
N PRO B 107 -1.75 -30.01 16.59
CA PRO B 107 -0.29 -29.98 16.78
C PRO B 107 0.27 -31.29 17.34
N GLU B 108 -0.30 -31.82 18.43
CA GLU B 108 0.20 -33.10 18.94
C GLU B 108 0.02 -34.24 17.91
N ASP B 109 -1.17 -34.34 17.30
CA ASP B 109 -1.41 -35.45 16.39
C ASP B 109 -0.63 -35.34 15.09
N LEU B 110 -0.40 -34.13 14.57
CA LEU B 110 0.45 -33.99 13.38
C LEU B 110 1.88 -34.38 13.69
N LEU B 111 2.36 -34.00 14.89
CA LEU B 111 3.69 -34.41 15.30
C LEU B 111 3.80 -35.93 15.37
N GLU B 112 2.76 -36.59 15.91
CA GLU B 112 2.80 -38.03 16.08
C GLU B 112 2.62 -38.77 14.76
N SER B 113 2.19 -38.07 13.70
CA SER B 113 1.90 -38.69 12.41
C SER B 113 3.12 -39.40 11.85
N LYS B 114 2.86 -40.44 11.05
CA LYS B 114 3.92 -41.36 10.65
C LYS B 114 3.98 -41.46 9.15
N GLY B 115 2.81 -41.40 8.52
CA GLY B 115 2.74 -41.43 7.08
C GLY B 115 2.98 -40.09 6.43
N LEU B 116 2.76 -40.07 5.12
CA LEU B 116 2.70 -38.87 4.28
C LEU B 116 1.56 -39.08 3.30
N GLU B 117 0.40 -38.52 3.62
CA GLU B 117 -0.78 -38.77 2.80
C GLU B 117 -0.69 -38.02 1.49
N SER B 118 -1.57 -38.33 0.55
CA SER B 118 -1.66 -37.51 -0.66
C SER B 118 -2.32 -36.16 -0.37
N ARG B 119 -2.87 -36.02 0.84
CA ARG B 119 -3.57 -34.82 1.24
C ARG B 119 -3.57 -34.79 2.76
N ILE B 120 -2.79 -33.89 3.33
CA ILE B 120 -2.80 -33.66 4.76
C ILE B 120 -3.82 -32.56 5.06
N PHE B 121 -4.32 -32.56 6.30
CA PHE B 121 -5.25 -31.55 6.78
C PHE B 121 -4.91 -31.21 8.23
N VAL B 122 -4.91 -29.93 8.56
CA VAL B 122 -4.71 -29.46 9.92
C VAL B 122 -5.99 -28.79 10.42
N SER B 123 -6.27 -28.96 11.71
CA SER B 123 -7.51 -28.46 12.27
C SER B 123 -7.56 -26.93 12.24
N LYS B 124 -8.76 -26.40 12.21
CA LYS B 124 -8.93 -24.98 12.43
C LYS B 124 -8.32 -24.64 13.78
N ASN B 125 -7.88 -23.40 13.95
CA ASN B 125 -7.14 -23.03 15.17
C ASN B 125 -5.98 -23.99 15.43
N PHE B 126 -5.28 -24.37 14.37
CA PHE B 126 -3.97 -24.98 14.56
C PHE B 126 -3.01 -23.99 15.21
N LYS B 127 -3.12 -22.70 14.85
CA LYS B 127 -2.23 -21.71 15.46
C LYS B 127 -2.60 -21.48 16.92
N LYS B 128 -3.89 -21.47 17.23
CA LYS B 128 -4.27 -21.26 18.62
C LYS B 128 -3.70 -22.36 19.50
N LYS B 129 -3.97 -23.63 19.13
CA LYS B 129 -3.47 -24.79 19.87
C LYS B 129 -1.94 -24.83 19.91
N SER B 130 -1.28 -24.38 18.86
CA SER B 130 0.18 -24.44 18.84
C SER B 130 0.76 -23.35 19.71
N MET B 131 0.16 -22.16 19.74
CA MET B 131 0.63 -21.11 20.63
C MET B 131 0.29 -21.41 22.08
N GLU B 132 -0.79 -22.18 22.33
CA GLU B 132 -1.18 -22.55 23.69
C GLU B 132 -0.22 -23.58 24.29
N ILE B 133 0.36 -24.45 23.46
CA ILE B 133 1.48 -25.27 23.90
C ILE B 133 2.67 -24.41 24.26
N ILE B 134 3.20 -23.64 23.28
CA ILE B 134 4.44 -22.92 23.51
C ILE B 134 4.32 -21.96 24.68
N GLU B 135 3.14 -21.37 24.89
CA GLU B 135 2.98 -20.48 26.03
C GLU B 135 3.02 -21.22 27.37
N LYS B 136 2.78 -22.53 27.39
CA LYS B 136 2.88 -23.30 28.64
C LYS B 136 4.31 -23.65 29.03
N ILE B 137 5.27 -23.47 28.12
CA ILE B 137 6.63 -23.93 28.31
C ILE B 137 7.57 -22.80 28.68
N TRP B 138 7.39 -21.63 28.09
CA TRP B 138 8.27 -20.49 28.29
C TRP B 138 7.44 -19.25 28.62
N ASP B 139 8.14 -18.18 29.03
CA ASP B 139 7.53 -16.85 29.06
C ASP B 139 7.73 -16.29 27.66
N VAL B 140 6.73 -16.47 26.79
CA VAL B 140 6.93 -16.17 25.37
C VAL B 140 7.35 -14.73 25.17
N ASN B 141 6.84 -13.81 26.00
CA ASN B 141 7.20 -12.39 25.93
C ASN B 141 8.70 -12.17 26.04
N LYS B 142 9.39 -12.93 26.90
CA LYS B 142 10.85 -12.89 26.93
C LYS B 142 11.48 -13.36 25.63
N ILE B 143 10.79 -14.18 24.86
CA ILE B 143 11.34 -14.61 23.58
C ILE B 143 11.12 -13.56 22.51
N ARG B 144 9.84 -13.16 22.33
CA ARG B 144 9.51 -12.19 21.30
C ARG B 144 10.44 -11.00 21.43
N LEU B 145 10.71 -10.59 22.67
CA LEU B 145 11.59 -9.45 22.90
C LEU B 145 13.01 -9.75 22.42
N ILE B 146 13.49 -10.98 22.62
CA ILE B 146 14.84 -11.29 22.17
C ILE B 146 14.87 -11.48 20.66
N ALA B 147 13.83 -12.12 20.12
CA ALA B 147 13.74 -12.35 18.69
C ALA B 147 13.77 -11.02 17.94
N ARG B 148 13.05 -10.02 18.46
CA ARG B 148 13.06 -8.70 17.87
C ARG B 148 14.46 -8.10 17.88
N LYS B 149 15.10 -8.09 19.05
CA LYS B 149 16.43 -7.50 19.14
C LYS B 149 17.39 -8.14 18.13
N GLU B 150 17.25 -9.44 17.92
CA GLU B 150 18.15 -10.13 17.00
C GLU B 150 17.72 -9.99 15.56
N ILE B 151 16.39 -9.98 15.32
CA ILE B 151 15.90 -9.68 13.97
C ILE B 151 16.31 -8.27 13.57
N LEU B 152 16.21 -7.31 14.50
CA LEU B 152 16.55 -5.92 14.17
C LEU B 152 18.04 -5.79 13.95
N GLU B 153 18.82 -6.37 14.86
CA GLU B 153 20.27 -6.46 14.70
C GLU B 153 20.67 -6.96 13.31
N ARG B 154 19.90 -7.88 12.74
CA ARG B 154 20.24 -8.45 11.44
C ARG B 154 19.86 -7.52 10.30
N ILE B 155 18.58 -7.16 10.25
CA ILE B 155 18.11 -6.10 9.36
C ILE B 155 19.05 -4.90 9.40
N SER B 156 19.29 -4.34 10.60
CA SER B 156 20.04 -3.08 10.68
C SER B 156 21.41 -3.18 10.04
N ALA B 157 22.18 -4.20 10.40
CA ALA B 157 23.56 -4.26 9.92
C ALA B 157 23.60 -4.21 8.40
N GLY B 158 22.68 -4.92 7.74
CA GLY B 158 22.54 -4.77 6.30
C GLY B 158 21.96 -3.42 5.88
N GLY B 159 20.94 -2.95 6.60
CA GLY B 159 20.12 -1.85 6.13
C GLY B 159 18.85 -2.43 5.55
N ILE B 160 17.66 -1.96 5.95
CA ILE B 160 16.41 -2.50 5.44
C ILE B 160 16.38 -2.55 3.92
N LEU B 161 17.17 -1.72 3.26
CA LEU B 161 17.07 -1.66 1.80
C LEU B 161 17.93 -2.74 1.13
N HIS B 162 19.19 -2.92 1.54
CA HIS B 162 19.94 -4.14 1.21
C HIS B 162 19.08 -5.40 1.38
N MET B 163 18.35 -5.50 2.50
CA MET B 163 17.63 -6.73 2.81
C MET B 163 16.43 -6.94 1.88
N ILE B 164 15.73 -5.86 1.51
CA ILE B 164 14.57 -6.04 0.61
C ILE B 164 14.99 -6.26 -0.85
N ARG B 165 16.27 -6.03 -1.18
CA ARG B 165 16.86 -6.15 -2.52
C ARG B 165 15.89 -5.73 -3.61
N MET C 1 -32.05 -23.37 -7.76
CA MET C 1 -30.99 -24.10 -7.11
C MET C 1 -29.67 -23.39 -7.32
N PHE C 2 -29.66 -22.58 -8.36
CA PHE C 2 -28.43 -22.01 -8.89
C PHE C 2 -28.29 -20.54 -8.56
N GLU C 3 -28.94 -20.09 -7.49
CA GLU C 3 -28.89 -18.67 -7.17
C GLU C 3 -27.45 -18.23 -6.93
N LYS C 4 -26.69 -19.05 -6.18
CA LYS C 4 -25.29 -18.74 -5.96
C LYS C 4 -24.54 -18.63 -7.28
N LEU C 5 -24.88 -19.49 -8.26
CA LEU C 5 -24.19 -19.50 -9.55
C LEU C 5 -24.57 -18.29 -10.40
N TYR C 6 -25.86 -17.97 -10.47
CA TYR C 6 -26.30 -16.84 -11.30
C TYR C 6 -25.85 -15.51 -10.69
N SER C 7 -26.15 -15.30 -9.40
CA SER C 7 -25.66 -14.15 -8.66
C SER C 7 -24.22 -13.80 -9.00
N ALA C 8 -23.34 -14.80 -8.89
CA ALA C 8 -21.94 -14.62 -9.19
C ALA C 8 -21.74 -14.09 -10.62
N ILE C 9 -22.52 -14.60 -11.57
CA ILE C 9 -22.33 -14.18 -12.97
C ILE C 9 -22.77 -12.73 -13.14
N ILE C 10 -23.83 -12.30 -12.44
CA ILE C 10 -24.29 -10.91 -12.54
C ILE C 10 -23.32 -9.98 -11.81
N TYR C 11 -22.79 -10.41 -10.67
CA TYR C 11 -21.87 -9.54 -9.95
C TYR C 11 -20.57 -9.37 -10.74
N SER C 12 -20.01 -10.48 -11.24
CA SER C 12 -18.73 -10.42 -11.91
C SER C 12 -18.83 -9.73 -13.26
N ASP C 13 -20.04 -9.62 -13.82
CA ASP C 13 -20.20 -8.84 -15.04
C ASP C 13 -20.27 -7.36 -14.74
N GLU C 14 -20.83 -6.98 -13.58
CA GLU C 14 -20.82 -5.58 -13.20
C GLU C 14 -19.43 -5.12 -12.78
N PHE C 15 -18.65 -6.03 -12.20
CA PHE C 15 -17.31 -5.71 -11.74
C PHE C 15 -16.29 -5.64 -12.88
N LYS C 16 -16.39 -6.52 -13.88
CA LYS C 16 -15.47 -6.42 -15.01
C LYS C 16 -15.73 -5.13 -15.78
N LYS C 17 -17.00 -4.72 -15.89
CA LYS C 17 -17.36 -3.44 -16.52
C LYS C 17 -16.62 -2.29 -15.82
N ILE C 18 -16.74 -2.22 -14.49
CA ILE C 18 -16.11 -1.16 -13.72
C ILE C 18 -14.59 -1.18 -13.93
N LEU C 19 -13.97 -2.35 -13.76
CA LEU C 19 -12.52 -2.47 -13.71
C LEU C 19 -11.88 -2.56 -15.08
N LEU C 20 -12.55 -3.14 -16.06
CA LEU C 20 -11.94 -3.23 -17.37
C LEU C 20 -12.75 -2.58 -18.47
N GLY C 21 -14.00 -2.23 -18.22
CA GLY C 21 -14.76 -1.53 -19.23
C GLY C 21 -15.50 -2.40 -20.20
N ARG C 22 -15.32 -3.72 -20.15
CA ARG C 22 -16.12 -4.64 -20.95
C ARG C 22 -16.65 -5.74 -20.03
N GLY C 23 -17.70 -6.43 -20.45
CA GLY C 23 -18.28 -7.46 -19.61
C GLY C 23 -17.63 -8.85 -19.75
N VAL C 24 -18.00 -9.76 -18.84
CA VAL C 24 -17.51 -11.13 -18.93
C VAL C 24 -17.88 -11.71 -20.30
N ASP C 25 -17.04 -12.64 -20.77
CA ASP C 25 -17.29 -13.30 -22.05
C ASP C 25 -17.77 -14.74 -21.86
N ASP C 26 -17.97 -15.41 -23.00
CA ASP C 26 -18.61 -16.72 -23.02
C ASP C 26 -17.89 -17.68 -22.08
N LEU C 27 -16.55 -17.71 -22.18
CA LEU C 27 -15.76 -18.69 -21.44
C LEU C 27 -15.72 -18.39 -19.94
N GLU C 28 -15.56 -17.11 -19.57
CA GLU C 28 -15.57 -16.74 -18.16
C GLU C 28 -16.87 -17.15 -17.49
N ILE C 29 -18.00 -17.00 -18.17
CA ILE C 29 -19.24 -17.51 -17.60
C ILE C 29 -19.18 -19.02 -17.47
N ALA C 30 -18.63 -19.68 -18.50
CA ALA C 30 -18.45 -21.14 -18.46
C ALA C 30 -17.67 -21.58 -17.23
N SER C 31 -16.66 -20.80 -16.83
CA SER C 31 -15.83 -21.15 -15.68
C SER C 31 -16.63 -21.12 -14.38
N ALA C 32 -17.64 -20.26 -14.27
CA ALA C 32 -18.49 -20.32 -13.10
C ALA C 32 -19.31 -21.61 -13.09
N TYR C 33 -19.80 -22.03 -14.25
CA TYR C 33 -20.56 -23.27 -14.32
C TYR C 33 -19.72 -24.47 -13.87
N ILE C 34 -18.52 -24.61 -14.43
CA ILE C 34 -17.65 -25.73 -14.04
C ILE C 34 -17.46 -25.70 -12.53
N ALA C 35 -17.05 -24.54 -12.01
CA ALA C 35 -16.71 -24.41 -10.60
C ALA C 35 -17.90 -24.73 -9.71
N PHE C 36 -19.10 -24.50 -10.23
CA PHE C 36 -20.30 -24.83 -9.47
C PHE C 36 -20.46 -26.35 -9.33
N LEU C 37 -20.26 -27.09 -10.43
CA LEU C 37 -20.35 -28.55 -10.38
C LEU C 37 -19.24 -29.14 -9.52
N TYR C 38 -18.00 -28.79 -9.84
CA TYR C 38 -16.84 -29.42 -9.25
C TYR C 38 -16.23 -28.44 -8.26
N GLU C 39 -16.69 -28.47 -7.00
CA GLU C 39 -16.31 -27.43 -6.04
C GLU C 39 -14.85 -27.50 -5.63
N ASP C 40 -14.22 -28.68 -5.62
CA ASP C 40 -12.83 -28.77 -5.18
C ASP C 40 -11.85 -28.87 -6.34
N LEU C 41 -12.28 -28.55 -7.55
CA LEU C 41 -11.43 -28.58 -8.73
C LEU C 41 -10.73 -27.23 -8.93
N PRO C 42 -9.46 -27.23 -9.30
CA PRO C 42 -8.80 -25.96 -9.64
C PRO C 42 -9.33 -25.41 -10.95
N ILE C 43 -9.53 -24.09 -10.99
CA ILE C 43 -10.01 -23.39 -12.17
C ILE C 43 -8.85 -22.54 -12.64
N ILE C 44 -8.19 -22.92 -13.74
CA ILE C 44 -7.04 -22.21 -14.32
C ILE C 44 -7.50 -21.39 -15.52
N GLY C 45 -6.76 -20.33 -15.84
CA GLY C 45 -7.10 -19.44 -16.95
C GLY C 45 -8.10 -18.31 -16.68
N LYS C 46 -9.02 -18.09 -17.62
CA LYS C 46 -10.05 -17.06 -17.41
C LYS C 46 -11.11 -17.50 -16.43
N ASN C 47 -10.91 -17.18 -15.15
CA ASN C 47 -11.76 -17.68 -14.07
C ASN C 47 -12.59 -16.61 -13.36
N LEU C 48 -12.66 -15.39 -13.88
CA LEU C 48 -13.21 -14.29 -13.07
C LEU C 48 -14.54 -14.68 -12.42
N CYS C 49 -15.42 -15.35 -13.16
CA CYS C 49 -16.75 -15.66 -12.64
C CYS C 49 -16.69 -16.79 -11.63
N ALA C 50 -15.78 -17.74 -11.83
CA ALA C 50 -15.63 -18.79 -10.83
C ALA C 50 -15.14 -18.23 -9.53
N ALA C 51 -14.31 -17.19 -9.61
CA ALA C 51 -13.80 -16.56 -8.41
C ALA C 51 -14.91 -15.91 -7.61
N PHE C 52 -15.82 -15.22 -8.29
CA PHE C 52 -16.93 -14.64 -7.55
C PHE C 52 -17.79 -15.71 -6.89
N LEU C 53 -17.95 -16.86 -7.54
CA LEU C 53 -18.74 -17.92 -6.94
C LEU C 53 -18.10 -18.45 -5.65
N ARG C 54 -16.77 -18.58 -5.63
CA ARG C 54 -16.04 -19.17 -4.51
C ARG C 54 -15.57 -18.17 -3.48
N MET C 55 -15.41 -16.88 -3.87
CA MET C 55 -14.85 -15.83 -3.04
C MET C 55 -15.79 -14.66 -2.74
N GLY C 56 -16.97 -14.61 -3.36
CA GLY C 56 -17.81 -13.45 -3.10
C GLY C 56 -17.15 -12.17 -3.59
N LEU C 57 -17.58 -11.07 -2.97
CA LEU C 57 -16.99 -9.78 -3.33
C LEU C 57 -15.49 -9.76 -3.02
N ASP C 58 -15.05 -10.60 -2.06
CA ASP C 58 -13.64 -10.65 -1.73
C ASP C 58 -12.77 -10.93 -2.95
N ALA C 59 -13.36 -11.52 -4.00
CA ALA C 59 -12.64 -11.78 -5.25
C ALA C 59 -11.95 -10.53 -5.80
N VAL C 60 -12.40 -9.34 -5.41
CA VAL C 60 -11.90 -8.08 -5.97
C VAL C 60 -10.42 -7.87 -5.67
N TYR C 61 -9.98 -8.29 -4.49
CA TYR C 61 -8.61 -8.10 -4.06
C TYR C 61 -7.64 -9.09 -4.71
N ASN C 62 -8.11 -9.97 -5.60
CA ASN C 62 -7.22 -10.94 -6.22
C ASN C 62 -7.23 -10.89 -7.74
N VAL C 63 -7.99 -9.98 -8.35
CA VAL C 63 -7.98 -9.88 -9.81
C VAL C 63 -6.64 -9.34 -10.27
N MET C 64 -6.03 -10.03 -11.22
CA MET C 64 -4.88 -9.54 -11.98
C MET C 64 -5.33 -8.52 -13.01
N PRO C 65 -4.37 -7.85 -13.67
CA PRO C 65 -4.69 -6.97 -14.80
C PRO C 65 -5.32 -7.72 -15.95
N SER C 66 -4.76 -8.90 -16.29
CA SER C 66 -5.37 -9.74 -17.32
C SER C 66 -6.84 -10.00 -17.04
N GLY C 67 -7.26 -9.86 -15.79
CA GLY C 67 -8.61 -10.19 -15.43
C GLY C 67 -8.75 -11.58 -14.89
N LYS C 68 -7.67 -12.36 -14.84
CA LYS C 68 -7.69 -13.66 -14.18
C LYS C 68 -7.52 -13.47 -12.68
N VAL C 69 -7.92 -14.47 -11.90
CA VAL C 69 -7.86 -14.39 -10.44
C VAL C 69 -6.80 -15.37 -9.95
N TYR C 70 -5.91 -14.90 -9.07
CA TYR C 70 -4.91 -15.74 -8.40
C TYR C 70 -5.31 -15.80 -6.93
N SER C 71 -5.87 -16.92 -6.50
CA SER C 71 -6.24 -17.10 -5.09
C SER C 71 -6.10 -18.59 -4.78
N PRO C 72 -4.87 -19.04 -4.47
CA PRO C 72 -4.69 -20.46 -4.16
C PRO C 72 -5.53 -20.93 -3.00
N ARG C 73 -5.92 -20.05 -2.08
CA ARG C 73 -6.80 -20.47 -0.98
C ARG C 73 -8.04 -21.16 -1.51
N HIS C 74 -8.64 -20.61 -2.57
CA HIS C 74 -9.88 -21.11 -3.14
C HIS C 74 -9.68 -21.83 -4.46
N LYS C 75 -8.43 -22.13 -4.86
CA LYS C 75 -8.13 -22.96 -6.03
C LYS C 75 -8.45 -22.23 -7.32
N LEU C 76 -7.83 -21.06 -7.50
CA LEU C 76 -8.00 -20.23 -8.70
C LEU C 76 -6.61 -19.81 -9.19
N TYR C 77 -6.26 -20.10 -10.44
CA TYR C 77 -4.90 -19.78 -10.89
C TYR C 77 -4.89 -19.19 -12.29
N PRO C 78 -4.08 -18.16 -12.56
CA PRO C 78 -4.14 -17.47 -13.84
C PRO C 78 -3.45 -18.22 -14.95
N ILE C 79 -2.37 -18.90 -14.60
CA ILE C 79 -1.70 -19.84 -15.48
C ILE C 79 -1.43 -21.12 -14.71
N SER C 80 -1.09 -22.17 -15.47
CA SER C 80 -0.90 -23.53 -14.96
C SER C 80 0.50 -23.75 -14.39
N ARG C 81 0.53 -24.42 -13.25
CA ARG C 81 1.72 -24.62 -12.44
C ARG C 81 1.77 -26.12 -12.08
N TYR C 82 2.96 -26.71 -12.09
CA TYR C 82 3.18 -28.15 -11.91
C TYR C 82 2.30 -28.77 -10.82
N GLY C 83 1.56 -29.82 -11.17
CA GLY C 83 0.79 -30.59 -10.21
C GLY C 83 -0.65 -30.13 -9.99
N ILE C 84 -1.09 -29.09 -10.71
CA ILE C 84 -2.42 -28.52 -10.55
C ILE C 84 -3.31 -29.16 -11.62
N ASP C 85 -4.04 -30.19 -11.23
CA ASP C 85 -4.77 -30.98 -12.20
C ASP C 85 -6.17 -30.40 -12.33
N GLY C 86 -6.24 -29.26 -12.99
CA GLY C 86 -7.43 -28.44 -13.03
C GLY C 86 -7.92 -28.24 -14.45
N VAL C 87 -9.07 -27.55 -14.54
CA VAL C 87 -9.71 -27.21 -15.80
C VAL C 87 -9.07 -25.96 -16.33
N CYS C 88 -8.52 -26.01 -17.53
CA CYS C 88 -7.91 -24.85 -18.18
C CYS C 88 -8.89 -24.13 -19.10
N ILE C 89 -9.54 -23.06 -18.59
CA ILE C 89 -10.46 -22.23 -19.36
C ILE C 89 -9.74 -21.47 -20.47
N ASN C 90 -9.73 -22.01 -21.68
CA ASN C 90 -9.13 -21.47 -22.90
C ASN C 90 -7.63 -21.72 -23.01
N CYS C 91 -7.00 -22.43 -22.10
CA CYS C 91 -5.59 -22.80 -22.23
C CYS C 91 -5.47 -24.33 -22.37
N ASP C 92 -4.23 -24.80 -22.50
CA ASP C 92 -3.99 -26.21 -22.76
C ASP C 92 -3.21 -26.94 -21.67
N GLY C 93 -2.70 -26.24 -20.67
CA GLY C 93 -2.16 -26.88 -19.50
C GLY C 93 -3.27 -27.36 -18.59
N GLY C 94 -2.88 -27.96 -17.47
CA GLY C 94 -3.86 -28.58 -16.58
C GLY C 94 -4.32 -29.94 -17.09
N LYS C 95 -5.33 -30.48 -16.40
CA LYS C 95 -5.84 -31.81 -16.72
C LYS C 95 -6.97 -31.79 -17.75
N ILE C 96 -7.86 -30.78 -17.73
CA ILE C 96 -9.01 -30.66 -18.64
C ILE C 96 -8.93 -29.34 -19.41
N ILE C 97 -9.04 -29.41 -20.74
CA ILE C 97 -9.02 -28.23 -21.62
C ILE C 97 -10.45 -27.86 -22.02
N LEU C 98 -10.99 -26.80 -21.45
CA LEU C 98 -12.33 -26.31 -21.82
C LEU C 98 -12.24 -25.23 -22.90
N ARG C 99 -12.88 -25.45 -24.05
CA ARG C 99 -12.89 -24.46 -25.12
C ARG C 99 -14.28 -24.44 -25.73
N ILE C 100 -14.46 -23.60 -26.74
CA ILE C 100 -15.78 -23.36 -27.33
C ILE C 100 -15.87 -24.09 -28.66
N SER C 101 -17.04 -24.72 -28.91
CA SER C 101 -17.32 -25.44 -30.14
C SER C 101 -18.81 -25.50 -30.37
N ASN C 102 -19.22 -25.44 -31.65
CA ASN C 102 -20.66 -25.51 -31.97
C ASN C 102 -21.27 -26.86 -31.63
N LYS C 103 -20.45 -27.92 -31.57
CA LYS C 103 -20.83 -29.25 -31.09
C LYS C 103 -20.81 -29.34 -29.55
N GLY C 104 -20.69 -28.21 -28.86
CA GLY C 104 -20.49 -28.21 -27.42
C GLY C 104 -21.74 -27.89 -26.62
N TYR C 105 -21.62 -28.07 -25.30
CA TYR C 105 -22.76 -28.06 -24.40
C TYR C 105 -23.35 -26.67 -24.19
N ASP C 106 -24.68 -26.62 -24.16
CA ASP C 106 -25.46 -25.46 -23.79
C ASP C 106 -25.50 -25.35 -22.28
N PRO C 107 -25.78 -24.15 -21.74
CA PRO C 107 -25.82 -23.98 -20.29
C PRO C 107 -26.63 -25.04 -19.55
N GLU C 108 -27.87 -25.29 -19.97
CA GLU C 108 -28.72 -26.20 -19.20
C GLU C 108 -28.19 -27.63 -19.27
N ASP C 109 -27.68 -28.02 -20.43
CA ASP C 109 -27.09 -29.35 -20.59
C ASP C 109 -25.85 -29.53 -19.70
N LEU C 110 -24.94 -28.53 -19.72
CA LEU C 110 -23.71 -28.60 -18.93
C LEU C 110 -23.95 -28.78 -17.44
N LEU C 111 -25.07 -28.30 -16.92
CA LEU C 111 -25.31 -28.54 -15.50
C LEU C 111 -25.57 -30.01 -15.21
N GLU C 112 -25.80 -30.83 -16.24
CA GLU C 112 -26.01 -32.27 -16.06
C GLU C 112 -24.71 -33.04 -15.98
N SER C 113 -23.65 -32.51 -16.59
CA SER C 113 -22.33 -33.14 -16.64
C SER C 113 -21.98 -33.82 -15.33
N LYS C 114 -21.50 -35.07 -15.42
CA LYS C 114 -21.06 -35.74 -14.20
C LYS C 114 -19.56 -36.00 -14.12
N GLY C 115 -18.90 -36.31 -15.24
CA GLY C 115 -17.47 -36.50 -15.22
C GLY C 115 -16.82 -35.63 -16.28
N LEU C 116 -15.49 -35.54 -16.20
CA LEU C 116 -14.75 -34.77 -17.18
C LEU C 116 -13.72 -35.65 -17.85
N GLU C 117 -13.69 -35.60 -19.17
CA GLU C 117 -12.62 -36.25 -19.90
C GLU C 117 -11.45 -35.26 -20.06
N SER C 118 -10.44 -35.65 -20.83
CA SER C 118 -9.32 -34.73 -20.98
C SER C 118 -9.65 -33.49 -21.81
N ARG C 119 -10.84 -33.38 -22.39
CA ARG C 119 -11.30 -32.13 -22.96
C ARG C 119 -12.79 -32.00 -22.68
N ILE C 120 -13.30 -30.78 -22.84
CA ILE C 120 -14.74 -30.51 -22.75
C ILE C 120 -15.00 -29.27 -23.58
N PHE C 121 -16.18 -29.21 -24.19
CA PHE C 121 -16.56 -28.12 -25.08
C PHE C 121 -17.91 -27.53 -24.71
N VAL C 122 -18.03 -26.20 -24.80
CA VAL C 122 -19.29 -25.52 -24.55
C VAL C 122 -19.69 -24.75 -25.80
N SER C 123 -21.00 -24.51 -25.93
CA SER C 123 -21.58 -24.05 -27.18
C SER C 123 -21.14 -22.63 -27.51
N LYS C 124 -21.24 -22.28 -28.79
CA LYS C 124 -21.19 -20.87 -29.16
C LYS C 124 -22.30 -20.11 -28.43
N ASN C 125 -22.12 -18.79 -28.32
CA ASN C 125 -23.08 -17.92 -27.63
C ASN C 125 -23.42 -18.45 -26.24
N PHE C 126 -22.41 -18.91 -25.50
CA PHE C 126 -22.71 -19.46 -24.18
C PHE C 126 -23.22 -18.39 -23.23
N LYS C 127 -22.70 -17.15 -23.38
CA LYS C 127 -23.18 -16.07 -22.52
C LYS C 127 -24.61 -15.71 -22.87
N LYS C 128 -24.87 -15.43 -24.17
CA LYS C 128 -26.23 -15.17 -24.65
C LYS C 128 -27.24 -16.13 -24.06
N LYS C 129 -26.93 -17.42 -24.15
CA LYS C 129 -27.85 -18.45 -23.68
C LYS C 129 -27.99 -18.42 -22.18
N SER C 130 -26.92 -18.10 -21.46
CA SER C 130 -26.98 -18.13 -20.01
C SER C 130 -27.72 -16.91 -19.48
N MET C 131 -27.46 -15.73 -20.05
CA MET C 131 -28.21 -14.53 -19.74
C MET C 131 -29.72 -14.79 -19.81
N GLU C 132 -30.18 -15.39 -20.91
CA GLU C 132 -31.61 -15.60 -21.15
C GLU C 132 -32.25 -16.48 -20.09
N ILE C 133 -31.53 -17.49 -19.60
CA ILE C 133 -32.09 -18.33 -18.57
C ILE C 133 -32.38 -17.50 -17.34
N ILE C 134 -31.57 -16.47 -17.11
CA ILE C 134 -31.69 -15.68 -15.89
C ILE C 134 -32.79 -14.64 -16.01
N GLU C 135 -32.94 -14.02 -17.19
CA GLU C 135 -33.91 -12.94 -17.38
C GLU C 135 -35.33 -13.43 -17.16
N LYS C 136 -35.63 -14.67 -17.57
CA LYS C 136 -36.92 -15.29 -17.31
C LYS C 136 -37.16 -15.51 -15.83
N ILE C 137 -36.12 -15.43 -15.01
CA ILE C 137 -36.23 -15.80 -13.61
C ILE C 137 -36.05 -14.61 -12.68
N TRP C 138 -35.33 -13.56 -13.10
CA TRP C 138 -34.99 -12.46 -12.22
C TRP C 138 -35.16 -11.12 -12.94
N ASP C 139 -35.11 -10.06 -12.14
CA ASP C 139 -34.99 -8.69 -12.63
C ASP C 139 -33.50 -8.36 -12.64
N VAL C 140 -32.88 -8.50 -13.82
CA VAL C 140 -31.42 -8.37 -13.89
C VAL C 140 -30.99 -6.92 -13.65
N ASN C 141 -31.78 -5.94 -14.15
CA ASN C 141 -31.37 -4.53 -14.00
C ASN C 141 -31.49 -4.03 -12.57
N LYS C 142 -32.34 -4.66 -11.76
CA LYS C 142 -32.33 -4.38 -10.33
C LYS C 142 -31.04 -4.87 -9.70
N ILE C 143 -30.74 -6.17 -9.87
CA ILE C 143 -29.55 -6.76 -9.27
C ILE C 143 -28.29 -6.05 -9.76
N ARG C 144 -28.28 -5.58 -11.01
CA ARG C 144 -27.09 -4.88 -11.52
C ARG C 144 -26.81 -3.62 -10.72
N LEU C 145 -27.83 -2.80 -10.46
CA LEU C 145 -27.62 -1.58 -9.68
C LEU C 145 -27.23 -1.90 -8.25
N ILE C 146 -27.92 -2.87 -7.64
CA ILE C 146 -27.55 -3.32 -6.30
C ILE C 146 -26.07 -3.68 -6.26
N ALA C 147 -25.58 -4.36 -7.31
CA ALA C 147 -24.19 -4.83 -7.29
C ALA C 147 -23.22 -3.68 -7.53
N ARG C 148 -23.49 -2.79 -8.49
CA ARG C 148 -22.55 -1.68 -8.74
C ARG C 148 -22.30 -0.91 -7.45
N LYS C 149 -23.34 -0.80 -6.63
CA LYS C 149 -23.22 -0.10 -5.36
C LYS C 149 -22.30 -0.84 -4.40
N GLU C 150 -22.51 -2.14 -4.23
CA GLU C 150 -21.71 -2.92 -3.28
C GLU C 150 -20.27 -3.09 -3.75
N ILE C 151 -20.09 -3.14 -5.08
CA ILE C 151 -18.75 -3.13 -5.66
C ILE C 151 -18.09 -1.77 -5.44
N LEU C 152 -18.76 -0.68 -5.86
CA LEU C 152 -18.13 0.64 -5.76
C LEU C 152 -17.87 1.02 -4.30
N GLU C 153 -18.69 0.52 -3.38
CA GLU C 153 -18.39 0.66 -1.95
C GLU C 153 -17.11 -0.06 -1.57
N ARG C 154 -17.01 -1.34 -1.92
CA ARG C 154 -15.80 -2.10 -1.62
C ARG C 154 -14.55 -1.43 -2.19
N ILE C 155 -14.66 -0.86 -3.40
CA ILE C 155 -13.55 -0.19 -4.06
C ILE C 155 -13.17 1.11 -3.37
N SER C 156 -14.13 1.80 -2.74
CA SER C 156 -13.87 3.10 -2.14
C SER C 156 -13.36 3.02 -0.71
N ALA C 157 -13.43 1.83 -0.10
CA ALA C 157 -12.90 1.63 1.24
C ALA C 157 -11.49 2.18 1.36
N GLY C 158 -10.56 1.63 0.59
CA GLY C 158 -9.22 2.15 0.52
C GLY C 158 -8.92 2.97 -0.72
N GLY C 159 -9.92 3.38 -1.49
CA GLY C 159 -9.68 4.05 -2.76
C GLY C 159 -9.20 3.10 -3.85
N ILE C 160 -9.50 3.44 -5.10
CA ILE C 160 -9.07 2.68 -6.27
C ILE C 160 -7.61 2.25 -6.18
N LEU C 161 -6.76 3.13 -5.62
CA LEU C 161 -5.31 2.89 -5.71
C LEU C 161 -4.87 1.77 -4.77
N HIS C 162 -5.42 1.75 -3.55
CA HIS C 162 -5.16 0.61 -2.67
C HIS C 162 -5.60 -0.69 -3.32
N MET C 163 -6.68 -0.66 -4.12
CA MET C 163 -7.24 -1.90 -4.68
C MET C 163 -6.27 -2.55 -5.66
N ILE C 164 -5.65 -1.75 -6.56
CA ILE C 164 -4.67 -2.28 -7.52
C ILE C 164 -3.67 -3.19 -6.81
N ARG C 165 -3.20 -2.78 -5.63
CA ARG C 165 -2.32 -3.56 -4.73
C ARG C 165 -0.96 -3.87 -5.35
N MET D 1 -23.83 32.95 -7.45
CA MET D 1 -22.70 33.40 -8.26
C MET D 1 -21.53 32.43 -8.12
N PHE D 2 -21.54 31.73 -7.00
CA PHE D 2 -20.42 30.87 -6.67
C PHE D 2 -20.80 29.41 -6.83
N GLU D 3 -21.79 29.14 -7.69
CA GLU D 3 -22.19 27.76 -8.00
C GLU D 3 -21.02 26.99 -8.61
N LYS D 4 -20.37 27.60 -9.61
CA LYS D 4 -19.21 27.01 -10.27
C LYS D 4 -18.13 26.64 -9.24
N LEU D 5 -17.77 27.61 -8.37
CA LEU D 5 -16.84 27.36 -7.27
C LEU D 5 -17.36 26.31 -6.28
N TYR D 6 -18.65 26.36 -5.92
CA TYR D 6 -19.15 25.39 -4.94
C TYR D 6 -19.38 24.02 -5.56
N SER D 7 -19.68 23.97 -6.86
CA SER D 7 -19.84 22.68 -7.53
C SER D 7 -18.57 21.85 -7.43
N ALA D 8 -17.42 22.47 -7.75
CA ALA D 8 -16.15 21.75 -7.84
C ALA D 8 -15.73 21.23 -6.47
N ILE D 9 -15.94 22.03 -5.42
CA ILE D 9 -15.62 21.61 -4.05
C ILE D 9 -16.38 20.33 -3.66
N ILE D 10 -17.49 20.03 -4.35
CA ILE D 10 -18.33 18.88 -3.99
C ILE D 10 -17.96 17.64 -4.78
N TYR D 11 -17.69 17.81 -6.08
CA TYR D 11 -17.32 16.66 -6.91
C TYR D 11 -15.91 16.18 -6.61
N SER D 12 -14.98 17.12 -6.41
CA SER D 12 -13.63 16.77 -5.95
C SER D 12 -13.69 15.86 -4.73
N ASP D 13 -14.46 16.29 -3.72
CA ASP D 13 -14.60 15.57 -2.46
C ASP D 13 -15.05 14.13 -2.71
N GLU D 14 -16.08 13.97 -3.54
CA GLU D 14 -16.62 12.64 -3.86
C GLU D 14 -15.61 11.80 -4.64
N PHE D 15 -14.90 12.43 -5.59
CA PHE D 15 -13.90 11.74 -6.40
C PHE D 15 -12.68 11.34 -5.59
N LYS D 16 -12.23 12.22 -4.69
CA LYS D 16 -11.11 11.86 -3.82
C LYS D 16 -11.45 10.64 -2.99
N LYS D 17 -12.69 10.57 -2.51
CA LYS D 17 -13.11 9.43 -1.72
C LYS D 17 -13.03 8.16 -2.53
N ILE D 18 -13.37 8.24 -3.82
CA ILE D 18 -13.39 7.04 -4.63
C ILE D 18 -11.98 6.56 -4.97
N LEU D 19 -11.03 7.50 -5.04
CA LEU D 19 -9.67 7.24 -5.52
C LEU D 19 -8.68 6.98 -4.39
N LEU D 20 -8.80 7.74 -3.30
CA LEU D 20 -7.85 7.66 -2.19
C LEU D 20 -8.47 7.18 -0.89
N GLY D 21 -9.71 7.54 -0.62
CA GLY D 21 -10.39 7.11 0.58
C GLY D 21 -10.73 8.24 1.53
N ARG D 22 -10.18 9.42 1.33
CA ARG D 22 -10.46 10.55 2.19
C ARG D 22 -10.77 11.76 1.33
N GLY D 23 -11.45 12.74 1.95
CA GLY D 23 -11.95 13.90 1.25
C GLY D 23 -10.98 15.07 1.29
N VAL D 24 -11.21 16.02 0.38
CA VAL D 24 -10.34 17.20 0.24
C VAL D 24 -10.13 17.86 1.60
N ASP D 25 -8.87 18.19 1.90
CA ASP D 25 -8.54 18.91 3.12
C ASP D 25 -8.66 20.43 2.91
N ASP D 26 -8.27 21.20 3.92
CA ASP D 26 -8.46 22.65 3.95
C ASP D 26 -7.88 23.31 2.70
N LEU D 27 -6.55 23.23 2.59
CA LEU D 27 -5.84 23.96 1.55
C LEU D 27 -6.33 23.61 0.16
N GLU D 28 -6.70 22.34 -0.05
CA GLU D 28 -7.26 21.90 -1.33
C GLU D 28 -8.49 22.71 -1.72
N ILE D 29 -9.32 23.08 -0.74
CA ILE D 29 -10.51 23.86 -1.03
C ILE D 29 -10.13 25.30 -1.36
N ALA D 30 -9.19 25.86 -0.59
CA ALA D 30 -8.71 27.23 -0.86
C ALA D 30 -8.11 27.35 -2.25
N SER D 31 -7.61 26.25 -2.80
CA SER D 31 -7.11 26.27 -4.17
C SER D 31 -8.17 26.72 -5.14
N ALA D 32 -9.40 26.24 -4.95
CA ALA D 32 -10.50 26.55 -5.87
C ALA D 32 -10.93 28.01 -5.75
N TYR D 33 -10.93 28.53 -4.52
CA TYR D 33 -11.20 29.94 -4.32
C TYR D 33 -10.20 30.80 -5.08
N ILE D 34 -8.90 30.48 -4.96
CA ILE D 34 -7.84 31.23 -5.63
C ILE D 34 -7.98 31.11 -7.14
N ALA D 35 -8.33 29.91 -7.63
CA ALA D 35 -8.50 29.73 -9.06
C ALA D 35 -9.77 30.40 -9.57
N PHE D 36 -10.75 30.58 -8.66
CA PHE D 36 -11.95 31.35 -8.96
C PHE D 36 -11.64 32.84 -9.11
N LEU D 37 -10.78 33.37 -8.24
CA LEU D 37 -10.42 34.79 -8.31
C LEU D 37 -9.58 35.08 -9.54
N TYR D 38 -8.51 34.30 -9.77
CA TYR D 38 -7.54 34.61 -10.82
C TYR D 38 -7.56 33.44 -11.80
N GLU D 39 -8.00 33.69 -13.02
CA GLU D 39 -8.17 32.61 -13.98
C GLU D 39 -6.92 32.31 -14.79
N ASP D 40 -5.86 33.12 -14.68
CA ASP D 40 -4.59 32.76 -15.32
C ASP D 40 -3.44 32.60 -14.34
N LEU D 41 -3.75 32.39 -13.08
CA LEU D 41 -2.71 32.22 -12.09
C LEU D 41 -2.42 30.74 -11.89
N PRO D 42 -1.16 30.31 -12.01
CA PRO D 42 -0.84 28.88 -11.88
C PRO D 42 -1.02 28.40 -10.45
N ILE D 43 -1.73 27.28 -10.29
CA ILE D 43 -1.91 26.66 -8.98
C ILE D 43 -0.92 25.53 -8.87
N ILE D 44 0.00 25.62 -7.90
CA ILE D 44 1.02 24.60 -7.65
C ILE D 44 0.73 23.96 -6.32
N GLY D 45 0.72 22.63 -6.24
CA GLY D 45 0.67 21.92 -4.98
C GLY D 45 -0.57 21.03 -4.88
N LYS D 46 -1.26 21.11 -3.74
CA LYS D 46 -2.60 20.52 -3.57
C LYS D 46 -3.62 21.33 -4.35
N ASN D 47 -4.09 20.80 -5.46
CA ASN D 47 -4.90 21.65 -6.31
C ASN D 47 -6.13 20.93 -6.84
N LEU D 48 -6.58 19.87 -6.15
CA LEU D 48 -7.58 18.99 -6.73
C LEU D 48 -8.89 19.73 -7.01
N CYS D 49 -9.27 20.66 -6.12
CA CYS D 49 -10.49 21.42 -6.34
C CYS D 49 -10.31 22.40 -7.50
N ALA D 50 -9.27 23.23 -7.43
CA ALA D 50 -8.97 24.12 -8.56
C ALA D 50 -8.90 23.33 -9.87
N ALA D 51 -8.57 22.04 -9.80
CA ALA D 51 -8.53 21.23 -11.01
C ALA D 51 -9.92 20.93 -11.54
N PHE D 52 -10.93 20.90 -10.67
CA PHE D 52 -12.31 20.66 -11.12
C PHE D 52 -12.94 21.96 -11.63
N LEU D 53 -12.84 23.04 -10.84
CA LEU D 53 -13.25 24.36 -11.32
C LEU D 53 -12.75 24.65 -12.72
N ARG D 54 -11.53 24.24 -13.04
CA ARG D 54 -10.99 24.60 -14.34
C ARG D 54 -11.22 23.54 -15.42
N MET D 55 -11.28 22.26 -15.06
CA MET D 55 -11.47 21.24 -16.08
C MET D 55 -12.80 20.49 -16.02
N GLY D 56 -13.52 20.53 -14.89
CA GLY D 56 -14.68 19.68 -14.88
C GLY D 56 -14.25 18.23 -14.71
N LEU D 57 -15.17 17.31 -15.01
CA LEU D 57 -14.91 15.89 -14.81
C LEU D 57 -13.66 15.38 -15.53
N ASP D 58 -13.03 16.19 -16.40
CA ASP D 58 -11.78 15.77 -17.03
C ASP D 58 -10.58 15.88 -16.10
N ALA D 59 -10.71 16.58 -14.99
CA ALA D 59 -9.70 16.51 -13.94
C ALA D 59 -9.46 15.07 -13.52
N VAL D 60 -10.49 14.22 -13.59
CA VAL D 60 -10.36 12.81 -13.25
C VAL D 60 -9.22 12.15 -14.03
N TYR D 61 -8.97 12.60 -15.25
CA TYR D 61 -7.99 11.98 -16.12
C TYR D 61 -6.59 12.53 -15.91
N ASN D 62 -6.43 13.57 -15.09
CA ASN D 62 -5.14 14.21 -14.92
C ASN D 62 -4.67 14.17 -13.46
N VAL D 63 -5.39 13.48 -12.58
CA VAL D 63 -4.94 13.43 -11.19
C VAL D 63 -3.79 12.43 -11.08
N MET D 64 -3.00 12.59 -10.04
CA MET D 64 -1.85 11.70 -9.88
C MET D 64 -1.94 11.06 -8.50
N PRO D 65 -1.16 10.02 -8.22
CA PRO D 65 -1.34 9.28 -6.96
C PRO D 65 -1.28 10.16 -5.72
N SER D 66 -0.52 11.27 -5.79
CA SER D 66 -0.48 12.22 -4.70
C SER D 66 -1.80 12.92 -4.46
N GLY D 67 -2.80 12.73 -5.33
CA GLY D 67 -3.97 13.57 -5.31
C GLY D 67 -3.73 14.96 -5.85
N LYS D 68 -2.59 15.20 -6.48
CA LYS D 68 -2.25 16.48 -7.06
C LYS D 68 -2.46 16.35 -8.57
N VAL D 69 -2.86 17.43 -9.23
CA VAL D 69 -3.23 17.42 -10.65
C VAL D 69 -2.18 18.12 -11.50
N TYR D 70 -1.75 17.47 -12.57
CA TYR D 70 -0.85 18.03 -13.58
C TYR D 70 -1.60 18.28 -14.87
N SER D 71 -1.84 19.56 -15.19
CA SER D 71 -2.38 19.97 -16.48
C SER D 71 -1.87 21.35 -16.82
N PRO D 72 -0.79 21.45 -17.61
CA PRO D 72 -0.33 22.75 -18.08
C PRO D 72 -1.39 23.56 -18.80
N ARG D 73 -2.23 22.92 -19.62
CA ARG D 73 -3.30 23.64 -20.31
C ARG D 73 -4.11 24.46 -19.33
N HIS D 74 -4.38 23.93 -18.14
CA HIS D 74 -5.20 24.62 -17.16
C HIS D 74 -4.40 25.22 -16.00
N LYS D 75 -3.09 25.46 -16.19
CA LYS D 75 -2.26 26.17 -15.21
C LYS D 75 -2.20 25.44 -13.86
N LEU D 76 -2.17 24.11 -13.90
CA LEU D 76 -2.20 23.27 -12.69
C LEU D 76 -0.96 22.39 -12.67
N TYR D 77 -0.15 22.51 -11.62
CA TYR D 77 1.11 21.78 -11.54
C TYR D 77 1.30 21.23 -10.13
N PRO D 78 1.77 19.98 -10.00
CA PRO D 78 1.96 19.41 -8.67
C PRO D 78 3.27 19.81 -8.02
N ILE D 79 4.29 20.16 -8.77
CA ILE D 79 5.43 20.86 -8.20
C ILE D 79 5.80 22.05 -9.08
N SER D 80 6.54 22.96 -8.48
CA SER D 80 6.93 24.18 -9.15
C SER D 80 8.08 23.93 -10.12
N ARG D 81 7.90 24.35 -11.38
CA ARG D 81 8.97 24.40 -12.34
C ARG D 81 9.37 25.84 -12.60
N TYR D 82 10.44 26.01 -13.36
CA TYR D 82 11.11 27.29 -13.50
C TYR D 82 10.25 28.27 -14.28
N GLY D 83 9.92 29.40 -13.65
CA GLY D 83 9.13 30.42 -14.31
C GLY D 83 7.65 30.33 -14.04
N ILE D 84 7.21 29.31 -13.30
CA ILE D 84 5.83 29.22 -12.91
C ILE D 84 5.64 30.14 -11.73
N ASP D 85 5.30 31.40 -12.02
CA ASP D 85 5.08 32.40 -10.99
C ASP D 85 3.65 32.26 -10.45
N GLY D 86 3.40 31.10 -9.83
CA GLY D 86 2.08 30.75 -9.37
C GLY D 86 2.01 30.71 -7.84
N VAL D 87 0.80 30.47 -7.36
CA VAL D 87 0.59 30.20 -5.94
C VAL D 87 0.91 28.74 -5.65
N CYS D 88 1.60 28.53 -4.55
CA CYS D 88 2.02 27.22 -4.11
C CYS D 88 1.16 26.85 -2.90
N ILE D 89 0.26 25.88 -3.07
CA ILE D 89 -0.55 25.37 -1.98
C ILE D 89 0.31 24.42 -1.14
N ASN D 90 0.63 24.85 0.08
CA ASN D 90 1.29 24.04 1.11
C ASN D 90 2.70 23.64 0.68
N CYS D 91 3.36 24.43 -0.17
CA CYS D 91 4.75 24.24 -0.57
C CYS D 91 5.44 25.60 -0.59
N ASP D 92 6.77 25.61 -0.79
CA ASP D 92 7.53 26.85 -0.71
C ASP D 92 7.99 27.42 -2.03
N GLY D 93 7.66 26.76 -3.14
CA GLY D 93 8.06 27.22 -4.45
C GLY D 93 7.08 28.21 -5.05
N GLY D 94 7.31 28.52 -6.32
CA GLY D 94 6.51 29.56 -6.93
C GLY D 94 6.71 30.93 -6.28
N LYS D 95 5.82 31.85 -6.73
CA LYS D 95 5.74 33.26 -6.31
C LYS D 95 5.07 33.44 -4.94
N ILE D 96 3.94 32.76 -4.69
CA ILE D 96 3.08 32.97 -3.53
C ILE D 96 2.97 31.66 -2.76
N ILE D 97 3.03 31.73 -1.42
CA ILE D 97 3.09 30.55 -0.57
C ILE D 97 1.88 30.57 0.35
N LEU D 98 0.85 29.81 -0.01
CA LEU D 98 -0.39 29.76 0.75
C LEU D 98 -0.36 28.66 1.81
N ARG D 99 -0.56 29.01 3.09
CA ARG D 99 -0.59 27.99 4.14
C ARG D 99 -1.67 28.32 5.20
N ILE D 100 -1.95 27.35 6.06
CA ILE D 100 -2.94 27.51 7.13
C ILE D 100 -2.40 28.41 8.23
N SER D 101 -3.30 29.14 8.89
CA SER D 101 -2.93 29.95 10.06
C SER D 101 -4.17 30.27 10.89
N ASN D 102 -3.91 30.79 12.09
CA ASN D 102 -4.99 31.30 12.93
C ASN D 102 -5.58 32.56 12.33
N LYS D 103 -4.70 33.49 11.96
CA LYS D 103 -5.02 34.81 11.45
C LYS D 103 -5.47 34.81 9.98
N GLY D 104 -5.66 33.64 9.36
CA GLY D 104 -5.89 33.58 7.94
C GLY D 104 -7.33 33.88 7.54
N TYR D 105 -7.50 34.30 6.28
CA TYR D 105 -8.80 34.72 5.80
C TYR D 105 -9.83 33.59 5.90
N ASP D 106 -11.07 33.96 6.21
CA ASP D 106 -12.20 33.06 6.05
C ASP D 106 -12.67 33.13 4.60
N PRO D 107 -13.52 32.17 4.16
CA PRO D 107 -13.97 32.18 2.77
C PRO D 107 -14.40 33.56 2.27
N GLU D 108 -15.06 34.34 3.11
CA GLU D 108 -15.53 35.67 2.71
C GLU D 108 -14.39 36.63 2.35
N ASP D 109 -13.55 36.96 3.35
CA ASP D 109 -12.47 37.92 3.14
C ASP D 109 -11.55 37.50 2.00
N LEU D 110 -11.31 36.20 1.87
CA LEU D 110 -10.55 35.69 0.74
C LEU D 110 -11.15 36.17 -0.57
N LEU D 111 -12.44 35.90 -0.76
CA LEU D 111 -13.15 36.33 -1.97
C LEU D 111 -13.08 37.85 -2.16
N GLU D 112 -13.03 38.61 -1.06
CA GLU D 112 -13.07 40.07 -1.11
C GLU D 112 -11.68 40.68 -1.29
N SER D 113 -10.63 39.99 -0.82
CA SER D 113 -9.30 40.57 -0.78
C SER D 113 -8.85 41.00 -2.17
N LYS D 114 -8.40 42.26 -2.27
CA LYS D 114 -8.10 42.93 -3.53
C LYS D 114 -6.65 42.75 -3.95
N GLY D 115 -5.90 41.90 -3.25
CA GLY D 115 -4.49 41.74 -3.49
C GLY D 115 -4.07 40.28 -3.47
N LEU D 116 -2.76 40.09 -3.72
CA LEU D 116 -2.11 38.79 -3.80
C LEU D 116 -0.73 38.95 -3.17
N GLU D 117 -0.67 39.01 -1.84
CA GLU D 117 0.62 39.23 -1.17
C GLU D 117 1.46 37.95 -1.18
N SER D 118 2.80 38.11 -1.19
CA SER D 118 3.71 37.00 -1.46
C SER D 118 3.58 35.86 -0.44
N ARG D 119 3.02 36.11 0.73
CA ARG D 119 2.49 35.08 1.62
C ARG D 119 0.97 35.18 1.60
N ILE D 120 0.30 34.07 1.85
CA ILE D 120 -1.16 34.06 2.00
C ILE D 120 -1.54 32.98 2.99
N PHE D 121 -2.50 33.28 3.87
CA PHE D 121 -2.92 32.37 4.91
C PHE D 121 -4.44 32.30 4.96
N VAL D 122 -4.96 31.07 5.09
CA VAL D 122 -6.38 30.83 5.28
C VAL D 122 -6.61 30.33 6.68
N SER D 123 -7.75 30.73 7.25
CA SER D 123 -8.10 30.35 8.61
C SER D 123 -8.21 28.83 8.74
N LYS D 124 -7.80 28.31 9.89
CA LYS D 124 -8.05 26.91 10.18
C LYS D 124 -9.55 26.64 10.10
N ASN D 125 -9.90 25.39 9.82
CA ASN D 125 -11.29 25.01 9.61
C ASN D 125 -11.94 25.81 8.48
N PHE D 126 -11.12 26.33 7.55
CA PHE D 126 -11.62 26.96 6.32
C PHE D 126 -12.58 26.03 5.60
N LYS D 127 -12.36 24.72 5.71
CA LYS D 127 -13.28 23.76 5.11
C LYS D 127 -14.64 23.81 5.79
N LYS D 128 -14.64 23.88 7.13
CA LYS D 128 -15.90 23.97 7.86
C LYS D 128 -16.71 25.18 7.42
N LYS D 129 -16.07 26.36 7.40
CA LYS D 129 -16.75 27.61 7.00
C LYS D 129 -17.27 27.53 5.57
N SER D 130 -16.45 26.98 4.67
CA SER D 130 -16.87 26.82 3.28
C SER D 130 -17.92 25.72 3.13
N MET D 131 -17.76 24.60 3.84
CA MET D 131 -18.76 23.53 3.75
C MET D 131 -20.10 23.99 4.33
N GLU D 132 -20.08 24.75 5.42
CA GLU D 132 -21.32 25.23 6.00
C GLU D 132 -22.10 26.11 5.03
N ILE D 133 -21.45 27.12 4.43
CA ILE D 133 -22.09 27.99 3.44
C ILE D 133 -22.86 27.19 2.39
N ILE D 134 -22.34 26.01 2.01
CA ILE D 134 -22.94 25.27 0.91
C ILE D 134 -24.09 24.36 1.39
N GLU D 135 -24.05 23.87 2.64
CA GLU D 135 -25.23 23.25 3.23
C GLU D 135 -26.37 24.24 3.36
N LYS D 136 -26.05 25.47 3.78
CA LYS D 136 -27.00 26.57 3.94
C LYS D 136 -27.65 27.00 2.63
N ILE D 137 -27.20 26.48 1.48
CA ILE D 137 -27.81 26.89 0.22
C ILE D 137 -28.29 25.70 -0.62
N TRP D 138 -27.69 24.51 -0.46
CA TRP D 138 -28.04 23.41 -1.36
C TRP D 138 -28.35 22.13 -0.56
N ASP D 139 -29.02 21.20 -1.23
CA ASP D 139 -29.23 19.85 -0.70
C ASP D 139 -27.98 19.04 -1.03
N VAL D 140 -27.11 18.90 -0.04
CA VAL D 140 -25.77 18.41 -0.32
C VAL D 140 -25.82 16.92 -0.68
N ASN D 141 -26.48 16.09 0.14
CA ASN D 141 -26.51 14.65 -0.11
C ASN D 141 -27.15 14.30 -1.44
N LYS D 142 -28.13 15.10 -1.88
CA LYS D 142 -28.66 14.94 -3.23
C LYS D 142 -27.54 15.04 -4.25
N ILE D 143 -26.88 16.22 -4.29
CA ILE D 143 -25.80 16.53 -5.22
C ILE D 143 -24.66 15.51 -5.09
N ARG D 144 -24.30 15.15 -3.86
CA ARG D 144 -23.23 14.17 -3.61
C ARG D 144 -23.53 12.80 -4.20
N LEU D 145 -24.80 12.44 -4.29
CA LEU D 145 -25.17 11.11 -4.79
C LEU D 145 -25.30 11.09 -6.31
N ILE D 146 -25.72 12.22 -6.90
CA ILE D 146 -25.61 12.43 -8.35
C ILE D 146 -24.15 12.42 -8.78
N ALA D 147 -23.33 13.22 -8.08
CA ALA D 147 -21.89 13.36 -8.37
C ALA D 147 -21.17 12.02 -8.41
N ARG D 148 -21.45 11.17 -7.43
CA ARG D 148 -20.84 9.86 -7.35
C ARG D 148 -21.02 9.05 -8.65
N LYS D 149 -22.24 9.08 -9.22
CA LYS D 149 -22.51 8.22 -10.39
C LYS D 149 -21.85 8.75 -11.65
N GLU D 150 -21.91 10.07 -11.87
CA GLU D 150 -21.26 10.65 -13.05
C GLU D 150 -19.77 10.35 -13.04
N ILE D 151 -19.17 10.40 -11.86
CA ILE D 151 -17.77 10.03 -11.66
C ILE D 151 -17.59 8.54 -11.96
N LEU D 152 -18.33 7.67 -11.25
CA LEU D 152 -18.24 6.24 -11.53
C LEU D 152 -18.38 5.97 -13.03
N GLU D 153 -19.37 6.60 -13.67
CA GLU D 153 -19.57 6.39 -15.11
C GLU D 153 -18.35 6.79 -15.91
N ARG D 154 -17.77 7.95 -15.59
CA ARG D 154 -16.58 8.45 -16.26
C ARG D 154 -15.38 7.52 -16.04
N ILE D 155 -15.20 7.06 -14.80
CA ILE D 155 -14.23 6.01 -14.51
C ILE D 155 -14.57 4.71 -15.23
N SER D 156 -15.87 4.36 -15.28
CA SER D 156 -16.25 3.01 -15.72
C SER D 156 -16.12 2.82 -17.22
N ALA D 157 -16.44 3.86 -17.99
CA ALA D 157 -16.25 3.76 -19.42
C ALA D 157 -14.75 3.82 -19.70
N GLY D 158 -14.24 2.80 -20.37
CA GLY D 158 -12.81 2.61 -20.48
C GLY D 158 -12.17 1.86 -19.32
N GLY D 159 -12.89 1.70 -18.20
CA GLY D 159 -12.43 0.94 -17.05
C GLY D 159 -11.37 1.57 -16.16
N ILE D 160 -11.54 1.42 -14.85
CA ILE D 160 -10.64 1.95 -13.82
C ILE D 160 -9.17 1.88 -14.20
N LEU D 161 -8.77 0.81 -14.90
CA LEU D 161 -7.34 0.64 -15.16
C LEU D 161 -6.85 1.50 -16.32
N HIS D 162 -7.70 1.76 -17.33
CA HIS D 162 -7.29 2.70 -18.36
C HIS D 162 -7.17 4.11 -17.76
N MET D 163 -8.03 4.44 -16.78
CA MET D 163 -8.03 5.78 -16.18
C MET D 163 -6.78 6.01 -15.33
N ILE D 164 -6.42 5.06 -14.45
CA ILE D 164 -5.29 5.30 -13.55
C ILE D 164 -4.00 5.55 -14.34
N ARG D 165 -4.01 5.34 -15.66
CA ARG D 165 -2.95 5.81 -16.55
C ARG D 165 -3.28 7.21 -17.13
#